data_3IMQ
#
_entry.id   3IMQ
#
_cell.length_a   112.630
_cell.length_b   112.630
_cell.length_c   263.200
_cell.angle_alpha   90.00
_cell.angle_beta   90.00
_cell.angle_gamma   90.00
#
_symmetry.space_group_name_H-M   'I 41 2 2'
#
loop_
_entity.id
_entity.type
_entity.pdbx_description
1 polymer 'N utilization substance protein B'
2 polymer '30S ribosomal protein S10'
3 non-polymer 'POTASSIUM ION'
4 water water
#
loop_
_entity_poly.entity_id
_entity_poly.type
_entity_poly.pdbx_seq_one_letter_code
_entity_poly.pdbx_strand_id
1 'polypeptide(L)'
;GAMEPAARRRARECAVQALYSWQLSQNDIADVEYQFLAEQDVKDVDVLYFRELLAGVATNTAYLDGLMKPYLSRLLEELG
QVEKAVLRIALYELSKRSDVPYKVAINEAIELAKSFGAENSHKFVNGVLDKAAPVIRPNKK
;
A,B,C
2 'polypeptide(L)'
;GPLGSMQNQRIRIRLKAFDHRLIDQATAEIVETAKRTGAQVRGPIPLPTRSRTHLRLVDIVEPTEKTVDALMRLDLAAGV
DVQISLG
;
J,K,L
#
# COMPACT_ATOMS: atom_id res chain seq x y z
N PRO A 5 16.79 -32.41 -13.12
CA PRO A 5 17.03 -31.49 -14.24
C PRO A 5 16.22 -30.17 -14.06
N ALA A 6 15.04 -30.09 -14.65
CA ALA A 6 14.11 -28.98 -14.41
C ALA A 6 13.76 -28.84 -12.92
N ALA A 7 13.82 -29.94 -12.18
CA ALA A 7 13.47 -29.99 -10.77
C ALA A 7 14.45 -29.17 -9.94
N ARG A 8 15.69 -29.14 -10.43
CA ARG A 8 16.78 -28.44 -9.78
C ARG A 8 16.71 -26.93 -10.06
N ARG A 9 16.19 -26.56 -11.23
CA ARG A 9 15.92 -25.17 -11.58
C ARG A 9 14.79 -24.64 -10.74
N ARG A 10 13.74 -25.43 -10.60
CA ARG A 10 12.62 -25.06 -9.74
C ARG A 10 13.04 -24.89 -8.27
N ALA A 11 14.00 -25.69 -7.82
CA ALA A 11 14.58 -25.57 -6.49
C ALA A 11 15.29 -24.24 -6.31
N ARG A 12 16.02 -23.81 -7.33
CA ARG A 12 16.67 -22.51 -7.30
C ARG A 12 15.67 -21.36 -7.21
N GLU A 13 14.62 -21.40 -8.03
CA GLU A 13 13.56 -20.39 -8.00
C GLU A 13 12.92 -20.32 -6.62
N CYS A 14 12.63 -21.48 -6.04
CA CYS A 14 12.09 -21.52 -4.70
C CYS A 14 13.10 -21.01 -3.69
N ALA A 15 14.37 -21.33 -3.89
CA ALA A 15 15.39 -20.84 -2.95
C ALA A 15 15.51 -19.32 -3.01
N VAL A 16 15.35 -18.73 -4.19
CA VAL A 16 15.35 -17.28 -4.28
C VAL A 16 14.25 -16.68 -3.38
N GLN A 17 13.06 -17.25 -3.49
CA GLN A 17 11.92 -16.79 -2.72
C GLN A 17 12.11 -17.00 -1.23
N ALA A 18 12.57 -18.19 -0.86
CA ALA A 18 12.74 -18.53 0.53
C ALA A 18 13.89 -17.74 1.14
N LEU A 19 14.97 -17.54 0.39
CA LEU A 19 16.09 -16.73 0.85
C LEU A 19 15.69 -15.26 1.02
N TYR A 20 14.84 -14.77 0.12
CA TYR A 20 14.23 -13.46 0.25
C TYR A 20 13.45 -13.32 1.56
N SER A 21 12.65 -14.32 1.90
CA SER A 21 11.90 -14.30 3.16
C SER A 21 12.83 -14.21 4.35
N TRP A 22 13.92 -14.98 4.28
CA TRP A 22 14.89 -15.01 5.34
C TRP A 22 15.58 -13.64 5.49
N GLN A 23 15.87 -12.95 4.39
CA GLN A 23 16.52 -11.61 4.45
C GLN A 23 15.60 -10.54 4.98
N LEU A 24 14.32 -10.62 4.66
CA LEU A 24 13.42 -9.55 5.06
C LEU A 24 12.80 -9.77 6.42
N SER A 25 12.38 -11.00 6.72
CA SER A 25 11.73 -11.30 7.99
C SER A 25 12.73 -11.45 9.15
N GLN A 26 13.95 -11.89 8.83
CA GLN A 26 14.91 -12.28 9.89
C GLN A 26 14.35 -13.36 10.85
N ASN A 27 13.44 -14.20 10.32
CA ASN A 27 13.06 -15.43 10.96
C ASN A 27 14.22 -16.39 10.80
N ASP A 28 14.31 -17.32 11.74
CA ASP A 28 15.11 -18.52 11.66
C ASP A 28 15.04 -19.16 10.27
N ILE A 29 16.19 -19.48 9.66
CA ILE A 29 16.19 -20.17 8.34
C ILE A 29 15.42 -21.49 8.35
N ALA A 30 15.50 -22.23 9.45
CA ALA A 30 14.78 -23.48 9.62
C ALA A 30 13.25 -23.30 9.66
N ASP A 31 12.77 -22.18 10.20
CA ASP A 31 11.34 -21.89 10.18
C ASP A 31 10.92 -21.41 8.80
N VAL A 32 11.79 -20.64 8.16
CA VAL A 32 11.56 -20.23 6.78
C VAL A 32 11.43 -21.47 5.87
N GLU A 33 12.36 -22.42 6.02
CA GLU A 33 12.40 -23.65 5.22
C GLU A 33 11.15 -24.50 5.42
N TYR A 34 10.80 -24.72 6.68
CA TYR A 34 9.66 -25.53 7.04
C TYR A 34 8.35 -24.95 6.50
N GLN A 35 8.15 -23.65 6.71
CA GLN A 35 6.91 -22.98 6.34
C GLN A 35 6.75 -22.94 4.82
N PHE A 36 7.86 -22.79 4.12
CA PHE A 36 7.84 -22.75 2.67
C PHE A 36 7.42 -24.10 2.16
N LEU A 37 8.08 -25.14 2.65
CA LEU A 37 7.82 -26.49 2.18
C LEU A 37 6.43 -26.95 2.58
N ALA A 38 5.96 -26.52 3.75
CA ALA A 38 4.60 -26.85 4.19
C ALA A 38 3.55 -26.15 3.34
N GLU A 39 3.65 -24.82 3.22
CA GLU A 39 2.60 -24.04 2.60
C GLU A 39 2.59 -24.08 1.08
N GLN A 40 3.76 -23.89 0.45
CA GLN A 40 3.85 -23.79 -1.01
C GLN A 40 3.63 -25.13 -1.69
N ASP A 41 3.30 -25.07 -2.97
CA ASP A 41 3.15 -26.24 -3.80
C ASP A 41 4.50 -26.54 -4.42
N VAL A 42 5.21 -27.49 -3.84
CA VAL A 42 6.54 -27.82 -4.33
C VAL A 42 6.59 -29.18 -5.07
N LYS A 43 5.49 -29.56 -5.70
CA LYS A 43 5.34 -30.85 -6.40
C LYS A 43 6.38 -31.18 -7.48
N ASP A 44 7.02 -30.16 -8.04
CA ASP A 44 7.96 -30.34 -9.13
C ASP A 44 9.38 -29.91 -8.73
N VAL A 45 9.59 -29.76 -7.43
CA VAL A 45 10.83 -29.24 -6.90
C VAL A 45 11.74 -30.38 -6.42
N ASP A 46 13.03 -30.29 -6.75
CA ASP A 46 14.04 -31.15 -6.15
C ASP A 46 14.27 -30.65 -4.71
N VAL A 47 13.51 -31.22 -3.78
CA VAL A 47 13.36 -30.71 -2.43
C VAL A 47 14.67 -30.83 -1.65
N LEU A 48 15.37 -31.94 -1.79
CA LEU A 48 16.67 -32.10 -1.13
C LEU A 48 17.63 -30.96 -1.51
N TYR A 49 17.72 -30.67 -2.80
CA TYR A 49 18.60 -29.62 -3.31
C TYR A 49 18.16 -28.22 -2.85
N PHE A 50 16.86 -28.03 -2.73
CA PHE A 50 16.31 -26.82 -2.16
C PHE A 50 16.84 -26.65 -0.73
N ARG A 51 16.75 -27.70 0.08
CA ARG A 51 17.22 -27.64 1.45
C ARG A 51 18.72 -27.36 1.55
N GLU A 52 19.50 -27.93 0.64
CA GLU A 52 20.94 -27.75 0.65
C GLU A 52 21.34 -26.34 0.19
N LEU A 53 20.58 -25.75 -0.73
CA LEU A 53 20.84 -24.35 -1.09
C LEU A 53 20.57 -23.43 0.11
N LEU A 54 19.44 -23.65 0.78
CA LEU A 54 19.05 -22.83 1.91
C LEU A 54 20.08 -22.90 3.00
N ALA A 55 20.33 -24.11 3.48
CA ALA A 55 21.37 -24.36 4.46
C ALA A 55 22.70 -23.80 3.96
N GLY A 56 22.97 -23.98 2.67
CA GLY A 56 24.27 -23.66 2.12
C GLY A 56 24.54 -22.18 2.07
N VAL A 57 23.50 -21.39 1.89
CA VAL A 57 23.64 -19.96 1.82
C VAL A 57 23.54 -19.38 3.22
N ALA A 58 22.65 -19.93 4.03
CA ALA A 58 22.39 -19.42 5.37
C ALA A 58 23.57 -19.55 6.36
N THR A 59 24.31 -20.66 6.26
CA THR A 59 25.42 -20.87 7.15
C THR A 59 26.74 -20.29 6.60
N ASN A 60 26.74 -19.86 5.34
CA ASN A 60 27.97 -19.34 4.72
C ASN A 60 27.83 -17.95 4.10
N THR A 61 26.88 -17.20 4.60
CA THR A 61 26.52 -15.94 4.00
C THR A 61 27.72 -15.00 3.87
N ALA A 62 28.41 -14.75 4.98
CA ALA A 62 29.55 -13.82 4.97
C ALA A 62 30.70 -14.30 4.06
N TYR A 63 30.87 -15.61 3.97
CA TYR A 63 31.90 -16.15 3.10
C TYR A 63 31.51 -15.96 1.62
N LEU A 64 30.26 -16.26 1.28
CA LEU A 64 29.78 -16.06 -0.09
C LEU A 64 29.87 -14.60 -0.51
N ASP A 65 29.36 -13.71 0.34
CA ASP A 65 29.42 -12.28 0.04
C ASP A 65 30.85 -11.81 -0.14
N GLY A 66 31.79 -12.46 0.57
CA GLY A 66 33.20 -12.12 0.46
C GLY A 66 33.80 -12.40 -0.91
N LEU A 67 33.27 -13.41 -1.59
CA LEU A 67 33.68 -13.77 -2.94
C LEU A 67 33.18 -12.75 -3.94
N MET A 68 32.30 -11.86 -3.47
CA MET A 68 31.51 -10.97 -4.32
C MET A 68 31.95 -9.52 -4.17
N LYS A 69 32.18 -9.10 -2.92
CA LYS A 69 32.41 -7.67 -2.53
C LYS A 69 33.42 -6.90 -3.38
N PRO A 70 34.57 -7.51 -3.73
CA PRO A 70 35.56 -6.82 -4.55
C PRO A 70 35.03 -6.38 -5.90
N TYR A 71 33.94 -6.99 -6.34
CA TYR A 71 33.44 -6.80 -7.71
C TYR A 71 32.19 -5.92 -7.83
N LEU A 72 31.63 -5.55 -6.69
CA LEU A 72 30.52 -4.61 -6.67
C LEU A 72 31.10 -3.21 -6.71
N SER A 73 30.43 -2.28 -7.37
CA SER A 73 30.93 -0.90 -7.36
C SER A 73 30.46 -0.17 -6.08
N ARG A 74 29.75 -0.92 -5.23
CA ARG A 74 29.04 -0.37 -4.08
C ARG A 74 29.12 -1.30 -2.86
N LEU A 75 28.59 -0.82 -1.73
CA LEU A 75 28.46 -1.63 -0.54
C LEU A 75 27.48 -2.77 -0.79
N LEU A 76 27.68 -3.88 -0.08
CA LEU A 76 26.82 -5.04 -0.17
C LEU A 76 25.38 -4.65 0.14
N GLU A 77 25.19 -3.84 1.18
CA GLU A 77 23.84 -3.48 1.64
C GLU A 77 23.08 -2.49 0.72
N GLU A 78 23.71 -2.08 -0.39
CA GLU A 78 23.05 -1.26 -1.41
C GLU A 78 22.47 -2.12 -2.54
N LEU A 79 22.76 -3.41 -2.51
CA LEU A 79 22.25 -4.33 -3.50
C LEU A 79 20.78 -4.64 -3.21
N GLY A 80 19.99 -4.77 -4.28
CA GLY A 80 18.63 -5.25 -4.17
C GLY A 80 18.58 -6.59 -3.48
N GLN A 81 17.52 -6.83 -2.71
CA GLN A 81 17.39 -8.09 -1.98
C GLN A 81 17.41 -9.32 -2.87
N VAL A 82 16.62 -9.29 -3.95
CA VAL A 82 16.56 -10.41 -4.91
C VAL A 82 17.91 -10.65 -5.57
N GLU A 83 18.56 -9.56 -6.03
CA GLU A 83 19.93 -9.63 -6.55
C GLU A 83 20.89 -10.35 -5.58
N LYS A 84 20.79 -10.05 -4.30
CA LYS A 84 21.66 -10.64 -3.27
C LYS A 84 21.47 -12.17 -3.16
N ALA A 85 20.21 -12.60 -3.08
CA ALA A 85 19.85 -14.02 -3.06
C ALA A 85 20.32 -14.82 -4.28
N VAL A 86 20.08 -14.29 -5.48
CA VAL A 86 20.49 -14.94 -6.75
C VAL A 86 21.99 -15.12 -6.74
N LEU A 87 22.72 -14.06 -6.41
CA LEU A 87 24.18 -14.11 -6.41
C LEU A 87 24.69 -15.08 -5.37
N ARG A 88 24.08 -15.08 -4.19
CA ARG A 88 24.49 -16.01 -3.14
C ARG A 88 24.31 -17.43 -3.59
N ILE A 89 23.18 -17.71 -4.23
CA ILE A 89 22.92 -19.02 -4.79
C ILE A 89 23.99 -19.44 -5.81
N ALA A 90 24.34 -18.52 -6.69
CA ALA A 90 25.30 -18.80 -7.75
C ALA A 90 26.67 -19.08 -7.17
N LEU A 91 27.10 -18.19 -6.26
CA LEU A 91 28.43 -18.29 -5.63
C LEU A 91 28.54 -19.53 -4.77
N TYR A 92 27.47 -19.88 -4.07
CA TYR A 92 27.44 -21.15 -3.36
C TYR A 92 27.70 -22.29 -4.34
N GLU A 93 26.98 -22.31 -5.45
CA GLU A 93 27.18 -23.38 -6.44
C GLU A 93 28.62 -23.40 -6.99
N LEU A 94 29.13 -22.23 -7.34
CA LEU A 94 30.49 -22.13 -7.90
C LEU A 94 31.54 -22.63 -6.94
N SER A 95 31.37 -22.32 -5.66
CA SER A 95 32.38 -22.67 -4.67
C SER A 95 32.18 -24.03 -3.99
N LYS A 96 30.92 -24.46 -3.87
CA LYS A 96 30.60 -25.66 -3.07
C LYS A 96 29.99 -26.83 -3.83
N ARG A 97 29.67 -26.65 -5.10
CA ARG A 97 28.93 -27.68 -5.85
C ARG A 97 29.62 -28.09 -7.14
N SER A 98 30.44 -29.13 -7.06
CA SER A 98 31.17 -29.59 -8.23
C SER A 98 30.26 -30.34 -9.22
N ASP A 99 29.10 -30.76 -8.73
CA ASP A 99 28.11 -31.43 -9.56
C ASP A 99 27.29 -30.43 -10.39
N VAL A 100 27.59 -29.15 -10.21
CA VAL A 100 26.99 -28.11 -11.05
C VAL A 100 28.08 -27.53 -11.93
N PRO A 101 27.89 -27.60 -13.26
CA PRO A 101 28.89 -27.02 -14.17
C PRO A 101 28.91 -25.50 -14.12
N TYR A 102 30.11 -24.94 -14.35
CA TYR A 102 30.36 -23.51 -14.39
C TYR A 102 29.27 -22.73 -15.14
N LYS A 103 29.04 -23.12 -16.38
CA LYS A 103 28.08 -22.45 -17.26
C LYS A 103 26.67 -22.51 -16.68
N VAL A 104 26.31 -23.65 -16.09
CA VAL A 104 24.99 -23.83 -15.49
C VAL A 104 24.78 -22.83 -14.36
N ALA A 105 25.77 -22.68 -13.48
CA ALA A 105 25.62 -21.76 -12.36
C ALA A 105 25.37 -20.34 -12.85
N ILE A 106 26.16 -19.90 -13.82
CA ILE A 106 26.06 -18.55 -14.33
C ILE A 106 24.72 -18.31 -15.06
N ASN A 107 24.39 -19.22 -15.97
CA ASN A 107 23.16 -19.12 -16.72
C ASN A 107 21.88 -19.20 -15.88
N GLU A 108 21.87 -20.08 -14.87
CA GLU A 108 20.74 -20.19 -13.95
C GLU A 108 20.56 -18.91 -13.14
N ALA A 109 21.67 -18.27 -12.79
CA ALA A 109 21.63 -16.98 -12.11
C ALA A 109 21.02 -15.92 -13.00
N ILE A 110 21.49 -15.86 -14.24
CA ILE A 110 20.93 -14.94 -15.24
C ILE A 110 19.42 -15.11 -15.39
N GLU A 111 18.94 -16.35 -15.41
CA GLU A 111 17.51 -16.59 -15.61
C GLU A 111 16.69 -16.24 -14.37
N LEU A 112 17.25 -16.51 -13.20
CA LEU A 112 16.62 -16.07 -11.97
C LEU A 112 16.54 -14.53 -11.87
N ALA A 113 17.61 -13.84 -12.27
CA ALA A 113 17.60 -12.39 -12.19
C ALA A 113 16.55 -11.79 -13.14
N LYS A 114 16.29 -12.51 -14.24
CA LYS A 114 15.23 -12.14 -15.19
C LYS A 114 13.82 -12.32 -14.60
N SER A 115 13.54 -13.48 -14.03
CA SER A 115 12.19 -13.73 -13.49
C SER A 115 11.90 -12.79 -12.31
N PHE A 116 12.83 -12.76 -11.35
CA PHE A 116 12.59 -12.10 -10.09
C PHE A 116 13.09 -10.66 -9.93
N GLY A 117 13.85 -10.15 -10.90
CA GLY A 117 14.43 -8.81 -10.80
C GLY A 117 14.07 -7.83 -11.89
N ALA A 118 14.77 -6.70 -11.89
CA ALA A 118 14.50 -5.63 -12.83
C ALA A 118 14.96 -5.99 -14.23
N GLU A 119 14.56 -5.15 -15.18
CA GLU A 119 15.04 -5.19 -16.56
C GLU A 119 16.55 -5.43 -16.58
N ASN A 120 17.30 -4.53 -15.95
CA ASN A 120 18.77 -4.53 -16.05
C ASN A 120 19.51 -5.46 -15.08
N SER A 121 18.76 -6.11 -14.20
CA SER A 121 19.34 -6.96 -13.16
C SER A 121 20.26 -8.03 -13.68
N HIS A 122 19.79 -8.79 -14.68
CA HIS A 122 20.56 -9.93 -15.20
C HIS A 122 21.92 -9.49 -15.73
N LYS A 123 21.97 -8.29 -16.27
CA LYS A 123 23.21 -7.70 -16.78
C LYS A 123 24.16 -7.37 -15.65
N PHE A 124 23.63 -6.85 -14.54
CA PHE A 124 24.46 -6.62 -13.35
C PHE A 124 24.95 -7.94 -12.75
N VAL A 125 24.04 -8.92 -12.65
CA VAL A 125 24.35 -10.21 -12.08
C VAL A 125 25.42 -10.92 -12.90
N ASN A 126 25.24 -10.90 -14.23
CA ASN A 126 26.23 -11.48 -15.12
C ASN A 126 27.58 -10.78 -15.04
N GLY A 127 27.54 -9.46 -14.88
CA GLY A 127 28.76 -8.67 -14.73
C GLY A 127 29.57 -9.07 -13.51
N VAL A 128 28.89 -9.23 -12.38
CA VAL A 128 29.54 -9.64 -11.15
C VAL A 128 30.07 -11.07 -11.27
N LEU A 129 29.27 -11.96 -11.81
CA LEU A 129 29.71 -13.34 -11.94
C LEU A 129 30.85 -13.52 -12.94
N ASP A 130 30.91 -12.67 -13.97
CA ASP A 130 32.02 -12.75 -14.94
C ASP A 130 33.37 -12.48 -14.29
N LYS A 131 33.38 -11.60 -13.30
CA LYS A 131 34.59 -11.33 -12.55
C LYS A 131 34.80 -12.39 -11.45
N ALA A 132 33.75 -12.69 -10.70
CA ALA A 132 33.89 -13.54 -9.52
C ALA A 132 34.11 -15.01 -9.85
N ALA A 133 33.32 -15.53 -10.77
CA ALA A 133 33.38 -16.95 -11.13
C ALA A 133 34.76 -17.50 -11.54
N PRO A 134 35.52 -16.78 -12.41
CA PRO A 134 36.86 -17.30 -12.74
C PRO A 134 37.82 -17.42 -11.55
N VAL A 135 37.69 -16.56 -10.55
CA VAL A 135 38.52 -16.65 -9.35
C VAL A 135 38.17 -17.88 -8.51
N ILE A 136 36.88 -18.20 -8.41
CA ILE A 136 36.44 -19.40 -7.71
C ILE A 136 36.79 -20.66 -8.51
N ARG A 137 36.64 -20.59 -9.83
CA ARG A 137 36.95 -21.73 -10.73
C ARG A 137 37.85 -21.31 -11.92
N PRO A 138 39.18 -21.30 -11.71
CA PRO A 138 40.16 -20.83 -12.71
C PRO A 138 40.07 -21.50 -14.08
N ASN A 139 39.88 -22.81 -14.13
CA ASN A 139 39.69 -23.52 -15.41
C ASN A 139 38.33 -23.28 -16.06
N LYS A 140 37.42 -22.67 -15.30
CA LYS A 140 36.08 -22.29 -15.77
C LYS A 140 35.24 -23.48 -16.22
N LYS A 141 35.18 -24.51 -15.38
CA LYS A 141 34.41 -25.71 -15.71
C LYS A 141 33.66 -26.27 -14.51
N GLY B 1 -13.17 -3.90 17.16
CA GLY B 1 -12.38 -4.04 15.90
C GLY B 1 -12.76 -5.25 15.08
N PRO B 2 -12.33 -5.31 13.81
CA PRO B 2 -12.76 -6.37 12.90
C PRO B 2 -12.16 -7.75 13.23
N LEU B 3 -10.96 -7.76 13.83
CA LEU B 3 -10.26 -8.96 14.28
C LEU B 3 -11.07 -9.99 15.08
N GLY B 4 -12.07 -9.52 15.81
CA GLY B 4 -12.90 -10.41 16.63
C GLY B 4 -13.99 -11.06 15.82
N SER B 5 -14.18 -10.57 14.60
CA SER B 5 -15.21 -11.07 13.69
C SER B 5 -14.53 -11.72 12.46
N MET B 6 -13.29 -12.18 12.66
CA MET B 6 -12.45 -12.67 11.58
C MET B 6 -12.10 -14.13 11.83
N GLN B 7 -12.54 -15.03 10.95
CA GLN B 7 -12.34 -16.47 11.15
C GLN B 7 -10.89 -16.83 10.91
N ASN B 8 -10.29 -16.18 9.93
CA ASN B 8 -8.88 -16.35 9.65
C ASN B 8 -8.12 -15.14 10.18
N GLN B 9 -7.33 -15.38 11.24
CA GLN B 9 -6.51 -14.35 11.84
C GLN B 9 -5.26 -14.15 10.98
N ARG B 10 -5.42 -13.38 9.91
CA ARG B 10 -4.39 -13.16 8.91
C ARG B 10 -4.59 -11.83 8.18
N ILE B 11 -3.51 -11.10 8.00
CA ILE B 11 -3.49 -9.89 7.19
C ILE B 11 -2.59 -10.15 5.98
N ARG B 12 -3.18 -10.28 4.80
CA ARG B 12 -2.38 -10.57 3.62
C ARG B 12 -2.15 -9.28 2.84
N ILE B 13 -0.88 -9.00 2.55
CA ILE B 13 -0.50 -7.75 1.91
C ILE B 13 0.25 -8.00 0.59
N ARG B 14 -0.22 -7.36 -0.48
CA ARG B 14 0.41 -7.49 -1.81
C ARG B 14 0.96 -6.15 -2.22
N LEU B 15 2.19 -6.16 -2.70
CA LEU B 15 2.80 -4.92 -3.17
C LEU B 15 3.19 -5.00 -4.64
N LYS B 16 3.07 -3.88 -5.33
CA LYS B 16 3.51 -3.76 -6.71
C LYS B 16 4.28 -2.47 -6.83
N ALA B 17 5.38 -2.49 -7.57
CA ALA B 17 6.17 -1.30 -7.81
C ALA B 17 7.05 -1.45 -9.01
N PHE B 18 7.44 -0.31 -9.61
CA PHE B 18 8.43 -0.33 -10.67
C PHE B 18 9.84 -0.36 -10.11
N ASP B 19 10.04 0.18 -8.91
CA ASP B 19 11.39 0.25 -8.33
C ASP B 19 11.59 -0.81 -7.25
N HIS B 20 12.60 -1.66 -7.41
CA HIS B 20 12.76 -2.75 -6.46
C HIS B 20 13.31 -2.25 -5.11
N ARG B 21 13.98 -1.11 -5.11
CA ARG B 21 14.51 -0.58 -3.87
C ARG B 21 13.37 -0.11 -2.97
N LEU B 22 12.43 0.63 -3.58
CA LEU B 22 11.24 1.09 -2.87
C LEU B 22 10.37 -0.07 -2.39
N ILE B 23 10.22 -1.12 -3.21
CA ILE B 23 9.36 -2.26 -2.79
C ILE B 23 10.02 -3.05 -1.68
N ASP B 24 11.34 -3.20 -1.73
CA ASP B 24 12.09 -3.86 -0.66
C ASP B 24 12.03 -3.03 0.64
N GLN B 25 12.17 -1.70 0.59
CA GLN B 25 12.02 -0.89 1.83
C GLN B 25 10.60 -0.91 2.40
N ALA B 26 9.60 -0.78 1.54
CA ALA B 26 8.21 -0.93 1.94
C ALA B 26 7.96 -2.27 2.62
N THR B 27 8.46 -3.34 2.03
CA THR B 27 8.30 -4.67 2.60
C THR B 27 8.96 -4.70 4.00
N ALA B 28 10.14 -4.12 4.12
CA ALA B 28 10.88 -4.12 5.40
C ALA B 28 10.08 -3.40 6.50
N GLU B 29 9.48 -2.26 6.13
CA GLU B 29 8.70 -1.48 7.06
C GLU B 29 7.44 -2.21 7.50
N ILE B 30 6.79 -2.91 6.58
CA ILE B 30 5.63 -3.72 6.93
C ILE B 30 6.00 -4.80 7.95
N VAL B 31 7.08 -5.52 7.69
CA VAL B 31 7.56 -6.52 8.61
C VAL B 31 7.91 -5.93 9.98
N GLU B 32 8.66 -4.83 9.99
CA GLU B 32 9.03 -4.18 11.24
C GLU B 32 7.79 -3.76 12.02
N THR B 33 6.81 -3.23 11.30
CA THR B 33 5.57 -2.77 11.88
C THR B 33 4.85 -3.92 12.54
N ALA B 34 4.67 -5.03 11.82
CA ALA B 34 4.05 -6.24 12.34
C ALA B 34 4.71 -6.79 13.62
N LYS B 35 6.04 -6.87 13.58
CA LYS B 35 6.80 -7.44 14.71
C LYS B 35 6.83 -6.55 15.95
N ARG B 36 6.91 -5.23 15.76
CA ARG B 36 6.86 -4.29 16.90
C ARG B 36 5.58 -4.43 17.69
N THR B 37 4.50 -4.83 17.03
CA THR B 37 3.21 -4.98 17.67
C THR B 37 2.95 -6.41 18.13
N GLY B 38 3.92 -7.29 17.96
CA GLY B 38 3.84 -8.64 18.52
C GLY B 38 3.18 -9.66 17.62
N ALA B 39 3.05 -9.32 16.34
CA ALA B 39 2.53 -10.23 15.33
C ALA B 39 3.67 -11.04 14.70
N GLN B 40 3.33 -12.05 13.92
CA GLN B 40 4.29 -12.86 13.21
C GLN B 40 4.17 -12.65 11.71
N VAL B 41 5.18 -13.09 10.99
CA VAL B 41 5.33 -12.83 9.59
C VAL B 41 5.53 -14.14 8.84
N ARG B 42 4.71 -14.35 7.81
CA ARG B 42 4.90 -15.45 6.87
C ARG B 42 5.28 -14.83 5.54
N GLY B 43 6.35 -15.36 4.94
CA GLY B 43 7.02 -14.68 3.85
C GLY B 43 7.98 -13.66 4.45
N PRO B 44 8.19 -12.51 3.76
CA PRO B 44 7.54 -12.17 2.49
C PRO B 44 8.18 -12.92 1.34
N ILE B 45 7.48 -13.02 0.21
CA ILE B 45 8.08 -13.63 -0.96
C ILE B 45 7.93 -12.70 -2.14
N PRO B 46 8.92 -12.70 -3.05
CA PRO B 46 8.75 -12.00 -4.31
C PRO B 46 8.14 -12.93 -5.38
N LEU B 47 7.25 -12.41 -6.22
CA LEU B 47 6.62 -13.29 -7.23
C LEU B 47 7.23 -13.04 -8.57
N PRO B 48 7.44 -14.10 -9.37
CA PRO B 48 8.01 -13.86 -10.69
C PRO B 48 7.03 -13.13 -11.59
N THR B 49 7.55 -12.21 -12.41
N THR B 49 7.58 -12.21 -12.38
CA THR B 49 6.78 -11.66 -13.53
CA THR B 49 6.87 -11.55 -13.47
C THR B 49 7.70 -11.45 -14.70
C THR B 49 7.72 -11.71 -14.74
N ARG B 50 7.13 -11.44 -15.90
CA ARG B 50 7.89 -11.25 -17.14
C ARG B 50 7.91 -9.79 -17.56
N SER B 51 7.44 -8.91 -16.68
CA SER B 51 7.33 -7.49 -16.95
C SER B 51 8.28 -6.69 -16.08
N ARG B 52 8.16 -5.37 -16.14
CA ARG B 52 9.00 -4.48 -15.37
C ARG B 52 8.39 -4.20 -14.01
N THR B 53 7.37 -4.95 -13.62
CA THR B 53 6.76 -4.77 -12.31
C THR B 53 7.36 -5.73 -11.31
N HIS B 54 7.61 -5.25 -10.09
CA HIS B 54 8.08 -6.11 -9.02
C HIS B 54 6.87 -6.39 -8.15
N LEU B 55 6.79 -7.62 -7.64
CA LEU B 55 5.66 -8.10 -6.84
C LEU B 55 6.16 -8.72 -5.54
N ARG B 56 5.48 -8.41 -4.45
CA ARG B 56 5.77 -9.01 -3.17
C ARG B 56 4.48 -9.42 -2.48
N LEU B 57 4.54 -10.55 -1.81
CA LEU B 57 3.45 -11.03 -0.98
C LEU B 57 3.97 -11.21 0.45
N VAL B 58 3.18 -10.75 1.43
CA VAL B 58 3.48 -10.97 2.86
C VAL B 58 2.22 -11.22 3.70
N ASP B 59 2.26 -12.26 4.52
CA ASP B 59 1.16 -12.57 5.45
C ASP B 59 1.52 -12.19 6.90
N ILE B 60 0.64 -11.44 7.54
CA ILE B 60 0.80 -11.11 8.95
C ILE B 60 -0.18 -11.96 9.77
N VAL B 61 0.36 -12.90 10.54
CA VAL B 61 -0.48 -13.77 11.37
C VAL B 61 -0.29 -13.45 12.87
N GLU B 62 -1.21 -13.98 13.68
CA GLU B 62 -1.34 -13.62 15.10
C GLU B 62 -1.29 -12.11 15.31
N PRO B 63 -2.09 -11.34 14.51
CA PRO B 63 -2.11 -9.89 14.68
C PRO B 63 -2.80 -9.49 15.98
N THR B 64 -2.47 -8.30 16.48
CA THR B 64 -3.15 -7.70 17.61
C THR B 64 -3.77 -6.41 17.12
N GLU B 65 -4.56 -5.76 17.98
CA GLU B 65 -5.26 -4.55 17.61
C GLU B 65 -4.27 -3.47 17.19
N LYS B 66 -3.17 -3.39 17.93
CA LYS B 66 -2.10 -2.46 17.60
C LYS B 66 -1.45 -2.76 16.25
N THR B 67 -1.42 -4.03 15.84
CA THR B 67 -0.92 -4.36 14.51
C THR B 67 -1.74 -3.64 13.43
N VAL B 68 -3.07 -3.81 13.50
CA VAL B 68 -4.01 -3.23 12.52
C VAL B 68 -3.87 -1.70 12.53
N ASP B 69 -3.96 -1.13 13.72
CA ASP B 69 -3.73 0.29 13.92
C ASP B 69 -2.43 0.78 13.30
N ALA B 70 -1.34 0.08 13.57
CA ALA B 70 -0.03 0.52 13.09
C ALA B 70 0.05 0.39 11.56
N LEU B 71 -0.49 -0.69 11.01
CA LEU B 71 -0.57 -0.86 9.56
C LEU B 71 -1.42 0.20 8.87
N MET B 72 -2.53 0.59 9.50
CA MET B 72 -3.40 1.62 8.95
C MET B 72 -2.82 3.04 9.02
N ARG B 73 -1.74 3.23 9.77
CA ARG B 73 -1.14 4.57 9.83
C ARG B 73 0.20 4.65 9.05
N LEU B 74 0.56 3.53 8.44
CA LEU B 74 1.82 3.42 7.72
C LEU B 74 1.76 4.07 6.33
N ASP B 75 2.71 4.97 6.06
CA ASP B 75 2.82 5.60 4.74
C ASP B 75 3.86 4.87 3.90
N LEU B 76 3.44 4.38 2.74
CA LEU B 76 4.35 3.80 1.78
C LEU B 76 4.84 4.90 0.84
N ALA B 77 6.04 4.70 0.32
CA ALA B 77 6.61 5.62 -0.66
C ALA B 77 5.72 5.66 -1.91
N ALA B 78 5.52 6.84 -2.48
CA ALA B 78 4.92 6.92 -3.81
C ALA B 78 5.67 6.00 -4.81
N GLY B 79 4.91 5.32 -5.67
CA GLY B 79 5.52 4.40 -6.62
C GLY B 79 5.30 2.96 -6.20
N VAL B 80 4.83 2.78 -4.95
CA VAL B 80 4.49 1.47 -4.39
C VAL B 80 2.98 1.37 -4.16
N ASP B 81 2.37 0.37 -4.79
CA ASP B 81 0.95 0.15 -4.67
C ASP B 81 0.69 -1.00 -3.74
N VAL B 82 -0.45 -0.92 -3.02
CA VAL B 82 -0.72 -1.86 -1.97
C VAL B 82 -2.15 -2.42 -2.07
N GLN B 83 -2.30 -3.68 -1.63
CA GLN B 83 -3.61 -4.33 -1.49
C GLN B 83 -3.58 -5.06 -0.15
N ILE B 84 -4.57 -4.78 0.70
CA ILE B 84 -4.60 -5.36 2.04
C ILE B 84 -5.88 -6.15 2.22
N SER B 85 -5.76 -7.43 2.53
CA SER B 85 -6.96 -8.17 2.87
C SER B 85 -6.88 -8.79 4.26
N LEU B 86 -7.89 -8.46 5.05
CA LEU B 86 -8.15 -9.06 6.36
C LEU B 86 -9.07 -10.24 6.13
N GLY B 87 -8.63 -11.19 5.29
CA GLY B 87 -9.45 -12.32 4.84
C GLY B 87 -9.72 -13.28 5.98
N PRO C 5 9.97 18.19 -17.93
CA PRO C 5 10.54 19.54 -17.97
C PRO C 5 10.42 20.24 -16.60
N ALA C 6 9.20 20.60 -16.22
CA ALA C 6 8.92 21.11 -14.87
C ALA C 6 9.19 20.02 -13.83
N ALA C 7 9.03 18.75 -14.24
CA ALA C 7 9.28 17.61 -13.37
C ALA C 7 10.68 17.68 -12.73
N ARG C 8 11.66 18.16 -13.49
CA ARG C 8 13.02 18.28 -13.01
C ARG C 8 13.19 19.45 -12.05
N ARG C 9 12.52 20.56 -12.35
CA ARG C 9 12.44 21.70 -11.44
C ARG C 9 11.93 21.21 -10.09
N ARG C 10 10.80 20.50 -10.12
CA ARG C 10 10.22 19.87 -8.93
C ARG C 10 11.19 18.94 -8.22
N ALA C 11 11.87 18.10 -9.00
CA ALA C 11 12.92 17.21 -8.48
C ALA C 11 14.02 18.00 -7.75
N ARG C 12 14.42 19.13 -8.33
CA ARG C 12 15.41 20.02 -7.72
C ARG C 12 14.90 20.62 -6.42
N GLU C 13 13.63 21.01 -6.39
CA GLU C 13 12.99 21.58 -5.20
C GLU C 13 12.95 20.58 -4.06
N CYS C 14 12.53 19.36 -4.36
CA CYS C 14 12.50 18.32 -3.37
C CYS C 14 13.90 17.97 -2.93
N ALA C 15 14.86 18.07 -3.84
CA ALA C 15 16.25 17.77 -3.50
C ALA C 15 16.83 18.78 -2.53
N VAL C 16 16.40 20.04 -2.65
CA VAL C 16 16.83 21.06 -1.68
C VAL C 16 16.31 20.69 -0.28
N GLN C 17 15.01 20.41 -0.19
CA GLN C 17 14.40 20.02 1.07
C GLN C 17 15.05 18.77 1.65
N ALA C 18 15.13 17.71 0.82
CA ALA C 18 15.70 16.44 1.24
C ALA C 18 17.18 16.53 1.56
N LEU C 19 17.94 17.31 0.79
CA LEU C 19 19.39 17.46 1.06
C LEU C 19 19.57 18.29 2.29
N TYR C 20 18.68 19.25 2.49
CA TYR C 20 18.62 19.94 3.79
C TYR C 20 18.43 18.94 4.94
N SER C 21 17.46 18.02 4.78
CA SER C 21 17.25 16.90 5.70
C SER C 21 18.51 16.12 6.03
N TRP C 22 19.22 15.71 4.98
CA TRP C 22 20.40 14.90 5.10
C TRP C 22 21.54 15.61 5.83
N GLN C 23 21.69 16.91 5.58
CA GLN C 23 22.73 17.71 6.20
C GLN C 23 22.53 17.86 7.69
N LEU C 24 21.27 18.04 8.10
CA LEU C 24 20.98 18.17 9.51
C LEU C 24 20.90 16.82 10.23
N SER C 25 20.30 15.81 9.58
CA SER C 25 20.06 14.52 10.24
C SER C 25 21.24 13.59 10.10
N GLN C 26 21.86 13.65 8.93
CA GLN C 26 22.89 12.69 8.52
C GLN C 26 22.43 11.22 8.57
N ASN C 27 21.13 11.03 8.34
CA ASN C 27 20.58 9.71 8.06
C ASN C 27 21.14 9.16 6.75
N ASP C 28 21.01 7.86 6.57
CA ASP C 28 21.37 7.24 5.29
C ASP C 28 20.49 7.85 4.21
N ILE C 29 21.11 8.19 3.10
CA ILE C 29 20.44 8.91 2.03
C ILE C 29 19.26 8.09 1.45
N ALA C 30 19.42 6.77 1.39
CA ALA C 30 18.37 5.86 0.98
C ALA C 30 17.11 5.95 1.85
N ASP C 31 17.29 6.04 3.17
CA ASP C 31 16.16 6.32 4.09
C ASP C 31 15.63 7.73 3.92
N VAL C 32 16.51 8.70 3.67
CA VAL C 32 16.03 10.07 3.49
C VAL C 32 15.09 10.11 2.29
N GLU C 33 15.56 9.53 1.17
CA GLU C 33 14.78 9.46 -0.07
C GLU C 33 13.42 8.78 0.16
N TYR C 34 13.46 7.59 0.77
CA TYR C 34 12.24 6.82 0.99
C TYR C 34 11.19 7.56 1.84
N GLN C 35 11.64 8.22 2.90
CA GLN C 35 10.75 8.94 3.80
C GLN C 35 10.12 10.12 3.10
N PHE C 36 10.91 10.85 2.34
CA PHE C 36 10.42 11.93 1.50
C PHE C 36 9.33 11.43 0.55
N LEU C 37 9.61 10.35 -0.18
CA LEU C 37 8.64 9.78 -1.13
C LEU C 37 7.37 9.30 -0.43
N ALA C 38 7.52 8.87 0.82
CA ALA C 38 6.37 8.41 1.58
C ALA C 38 5.57 9.54 2.22
N GLU C 39 6.24 10.61 2.66
CA GLU C 39 5.56 11.62 3.49
C GLU C 39 5.27 12.96 2.81
N GLN C 40 5.99 13.27 1.73
CA GLN C 40 5.74 14.51 1.01
C GLN C 40 4.82 14.27 -0.19
N ASP C 41 4.39 15.35 -0.84
CA ASP C 41 3.62 15.28 -2.07
C ASP C 41 4.65 15.22 -3.17
N VAL C 42 4.64 14.14 -3.96
CA VAL C 42 5.64 14.02 -5.02
C VAL C 42 4.95 13.68 -6.33
N LYS C 43 3.69 14.09 -6.41
CA LYS C 43 2.78 13.77 -7.48
C LYS C 43 3.29 14.15 -8.90
N ASP C 44 4.15 15.16 -8.98
CA ASP C 44 4.54 15.75 -10.27
C ASP C 44 6.06 15.79 -10.49
N VAL C 45 6.76 14.87 -9.83
CA VAL C 45 8.21 14.96 -9.67
C VAL C 45 8.96 13.92 -10.51
N ASP C 46 10.09 14.32 -11.11
CA ASP C 46 11.02 13.36 -11.68
C ASP C 46 11.75 12.71 -10.52
N VAL C 47 11.12 11.63 -10.04
CA VAL C 47 11.54 10.91 -8.85
C VAL C 47 12.93 10.26 -9.07
N LEU C 48 13.16 9.83 -10.30
CA LEU C 48 14.45 9.27 -10.71
C LEU C 48 15.56 10.33 -10.61
N TYR C 49 15.30 11.52 -11.15
CA TYR C 49 16.27 12.60 -11.10
C TYR C 49 16.46 13.08 -9.65
N PHE C 50 15.37 13.04 -8.89
CA PHE C 50 15.41 13.23 -7.44
C PHE C 50 16.45 12.30 -6.82
N ARG C 51 16.31 10.99 -7.04
CA ARG C 51 17.27 10.02 -6.50
C ARG C 51 18.73 10.36 -6.90
N GLU C 52 18.95 10.56 -8.20
CA GLU C 52 20.26 10.92 -8.73
C GLU C 52 20.88 12.13 -8.02
N LEU C 53 20.11 13.21 -7.89
CA LEU C 53 20.58 14.40 -7.19
C LEU C 53 21.00 14.11 -5.74
N LEU C 54 20.16 13.37 -5.04
CA LEU C 54 20.41 13.01 -3.64
C LEU C 54 21.69 12.20 -3.43
N ALA C 55 21.79 11.08 -4.13
CA ALA C 55 22.93 10.20 -3.98
C ALA C 55 24.19 10.89 -4.50
N GLY C 56 24.03 11.66 -5.58
CA GLY C 56 25.15 12.35 -6.22
C GLY C 56 25.81 13.36 -5.30
N VAL C 57 24.98 14.21 -4.67
CA VAL C 57 25.51 15.14 -3.71
C VAL C 57 26.06 14.45 -2.44
N ALA C 58 25.31 13.50 -1.90
CA ALA C 58 25.65 12.83 -0.63
C ALA C 58 26.96 12.06 -0.67
N THR C 59 27.33 11.56 -1.86
CA THR C 59 28.50 10.72 -2.00
C THR C 59 29.69 11.47 -2.65
N ASN C 60 29.49 12.76 -2.95
CA ASN C 60 30.54 13.65 -3.49
C ASN C 60 30.68 15.01 -2.78
N THR C 61 30.30 15.08 -1.50
CA THR C 61 30.26 16.37 -0.79
C THR C 61 31.62 17.07 -0.68
N ALA C 62 32.67 16.33 -0.28
CA ALA C 62 34.01 16.89 -0.16
C ALA C 62 34.50 17.43 -1.51
N TYR C 63 34.19 16.68 -2.56
CA TYR C 63 34.58 17.08 -3.90
C TYR C 63 33.77 18.29 -4.36
N LEU C 64 32.46 18.29 -4.13
CA LEU C 64 31.67 19.46 -4.48
C LEU C 64 32.08 20.69 -3.67
N ASP C 65 32.30 20.51 -2.38
CA ASP C 65 32.73 21.61 -1.50
C ASP C 65 34.08 22.20 -1.89
N GLY C 66 34.94 21.38 -2.51
CA GLY C 66 36.24 21.82 -2.98
C GLY C 66 36.15 22.74 -4.21
N LEU C 67 35.15 22.51 -5.06
CA LEU C 67 34.94 23.33 -6.25
C LEU C 67 34.43 24.70 -5.87
N MET C 68 33.85 24.77 -4.68
CA MET C 68 33.20 25.94 -4.13
C MET C 68 34.15 26.75 -3.26
N LYS C 69 35.00 26.04 -2.54
CA LYS C 69 35.86 26.61 -1.49
C LYS C 69 36.61 27.89 -1.90
N PRO C 70 37.33 27.87 -3.04
CA PRO C 70 38.09 29.08 -3.37
C PRO C 70 37.28 30.37 -3.52
N TYR C 71 35.96 30.26 -3.66
CA TYR C 71 35.10 31.43 -3.89
C TYR C 71 34.24 31.79 -2.68
N LEU C 72 34.68 31.32 -1.51
CA LEU C 72 33.95 31.52 -0.24
C LEU C 72 34.83 32.07 0.89
N SER C 73 36.08 32.37 0.60
CA SER C 73 36.96 33.01 1.59
C SER C 73 36.57 34.48 1.74
N ARG C 74 35.26 34.74 1.62
CA ARG C 74 34.71 36.10 1.59
C ARG C 74 33.77 36.41 2.76
N LEU C 75 33.98 35.72 3.89
CA LEU C 75 33.18 35.86 5.12
C LEU C 75 31.67 36.04 4.88
N LEU C 76 31.18 35.49 3.77
CA LEU C 76 29.73 35.28 3.64
C LEU C 76 29.39 33.95 4.31
N GLU C 77 28.58 34.10 5.35
CA GLU C 77 29.00 33.74 6.72
C GLU C 77 29.50 32.33 7.04
N GLU C 78 28.61 31.47 7.54
CA GLU C 78 28.93 30.07 7.77
C GLU C 78 28.58 29.36 6.50
N LEU C 79 27.94 30.10 5.58
CA LEU C 79 27.20 29.54 4.47
C LEU C 79 25.97 28.82 5.04
N GLY C 80 24.79 29.34 4.73
CA GLY C 80 23.54 28.79 5.25
C GLY C 80 23.25 27.39 4.74
N GLN C 81 22.57 26.59 5.56
CA GLN C 81 22.29 25.22 5.18
C GLN C 81 21.54 25.10 3.85
N VAL C 82 20.60 26.00 3.60
CA VAL C 82 19.84 26.00 2.37
C VAL C 82 20.71 26.37 1.17
N GLU C 83 21.55 27.40 1.34
CA GLU C 83 22.46 27.82 0.30
C GLU C 83 23.42 26.67 -0.07
N LYS C 84 24.04 26.08 0.95
CA LYS C 84 24.96 24.99 0.80
C LYS C 84 24.35 23.88 -0.05
N ALA C 85 23.09 23.55 0.23
CA ALA C 85 22.38 22.52 -0.52
C ALA C 85 22.14 22.93 -1.97
N VAL C 86 21.80 24.19 -2.20
CA VAL C 86 21.57 24.69 -3.57
C VAL C 86 22.89 24.74 -4.36
N LEU C 87 23.94 25.25 -3.75
CA LEU C 87 25.23 25.26 -4.40
C LEU C 87 25.75 23.85 -4.77
N ARG C 88 25.54 22.90 -3.87
CA ARG C 88 25.97 21.52 -4.09
C ARG C 88 25.23 20.89 -5.28
N ILE C 89 23.93 21.17 -5.37
CA ILE C 89 23.10 20.76 -6.50
C ILE C 89 23.61 21.36 -7.82
N ALA C 90 23.82 22.67 -7.83
CA ALA C 90 24.30 23.36 -9.02
C ALA C 90 25.65 22.78 -9.46
N LEU C 91 26.57 22.68 -8.49
CA LEU C 91 27.90 22.15 -8.74
C LEU C 91 27.85 20.71 -9.21
N TYR C 92 26.93 19.92 -8.65
CA TYR C 92 26.77 18.55 -9.09
C TYR C 92 26.37 18.46 -10.56
N GLU C 93 25.36 19.24 -10.96
CA GLU C 93 24.92 19.23 -12.35
C GLU C 93 26.04 19.69 -13.27
N LEU C 94 26.73 20.76 -12.86
CA LEU C 94 27.82 21.31 -13.65
C LEU C 94 28.97 20.33 -13.87
N SER C 95 29.37 19.61 -12.83
CA SER C 95 30.53 18.72 -12.94
C SER C 95 30.20 17.30 -13.37
N LYS C 96 29.02 16.81 -13.02
CA LYS C 96 28.67 15.41 -13.28
C LYS C 96 27.51 15.19 -14.26
N ARG C 97 26.85 16.25 -14.73
CA ARG C 97 25.68 16.07 -15.61
C ARG C 97 25.77 16.86 -16.90
N SER C 98 26.53 16.33 -17.86
CA SER C 98 26.64 16.95 -19.17
C SER C 98 25.29 17.05 -19.92
N ASP C 99 24.31 16.27 -19.47
CA ASP C 99 22.96 16.34 -20.04
C ASP C 99 22.28 17.68 -19.76
N VAL C 100 22.57 18.27 -18.60
CA VAL C 100 22.01 19.55 -18.19
C VAL C 100 22.81 20.75 -18.73
N PRO C 101 22.12 21.70 -19.41
CA PRO C 101 22.80 22.88 -19.98
C PRO C 101 23.35 23.85 -18.94
N TYR C 102 24.47 24.50 -19.27
CA TYR C 102 25.17 25.49 -18.42
C TYR C 102 24.20 26.50 -17.80
N LYS C 103 23.42 27.16 -18.66
CA LYS C 103 22.48 28.19 -18.25
C LYS C 103 21.37 27.67 -17.35
N VAL C 104 20.91 26.46 -17.62
CA VAL C 104 19.86 25.84 -16.81
C VAL C 104 20.35 25.52 -15.39
N ALA C 105 21.59 25.06 -15.27
CA ALA C 105 22.17 24.77 -13.95
C ALA C 105 22.23 26.01 -13.05
N ILE C 106 22.75 27.11 -13.57
CA ILE C 106 22.86 28.36 -12.81
C ILE C 106 21.47 28.96 -12.52
N ASN C 107 20.64 29.11 -13.55
CA ASN C 107 19.32 29.72 -13.40
C ASN C 107 18.42 29.00 -12.41
N GLU C 108 18.43 27.66 -12.45
CA GLU C 108 17.63 26.88 -11.52
C GLU C 108 18.12 27.09 -10.09
N ALA C 109 19.44 27.15 -9.92
CA ALA C 109 20.04 27.38 -8.61
C ALA C 109 19.62 28.73 -8.01
N ILE C 110 19.56 29.74 -8.87
CA ILE C 110 19.08 31.07 -8.45
C ILE C 110 17.61 31.05 -8.07
N GLU C 111 16.76 30.41 -8.88
CA GLU C 111 15.32 30.36 -8.56
C GLU C 111 15.03 29.58 -7.27
N LEU C 112 15.83 28.54 -7.00
CA LEU C 112 15.76 27.76 -5.76
C LEU C 112 16.14 28.57 -4.51
N ALA C 113 17.15 29.42 -4.65
CA ALA C 113 17.56 30.28 -3.56
C ALA C 113 16.51 31.36 -3.28
N LYS C 114 15.74 31.72 -4.30
CA LYS C 114 14.64 32.66 -4.15
C LYS C 114 13.50 32.08 -3.34
N SER C 115 13.21 30.80 -3.56
CA SER C 115 12.09 30.15 -2.88
C SER C 115 12.43 29.79 -1.44
N PHE C 116 13.60 29.22 -1.25
CA PHE C 116 13.98 28.62 0.02
C PHE C 116 14.94 29.44 0.88
N GLY C 117 15.56 30.48 0.31
CA GLY C 117 16.58 31.23 1.04
C GLY C 117 16.11 32.58 1.58
N ALA C 118 17.06 33.32 2.15
CA ALA C 118 16.82 34.71 2.59
C ALA C 118 16.66 35.65 1.40
N GLU C 119 16.34 36.92 1.68
CA GLU C 119 16.14 37.95 0.66
C GLU C 119 17.19 38.01 -0.45
N ASN C 120 18.46 38.14 -0.07
CA ASN C 120 19.52 38.32 -1.06
C ASN C 120 20.38 37.10 -1.32
N SER C 121 19.90 35.93 -0.93
CA SER C 121 20.72 34.74 -1.09
C SER C 121 20.85 34.29 -2.54
N HIS C 122 19.88 34.68 -3.38
CA HIS C 122 19.94 34.39 -4.82
C HIS C 122 21.10 35.11 -5.53
N LYS C 123 21.40 36.33 -5.07
CA LYS C 123 22.52 37.09 -5.58
C LYS C 123 23.84 36.43 -5.16
N PHE C 124 23.90 35.96 -3.92
CA PHE C 124 25.08 35.28 -3.40
C PHE C 124 25.39 33.99 -4.17
N VAL C 125 24.36 33.17 -4.37
CA VAL C 125 24.47 31.94 -5.17
C VAL C 125 24.94 32.29 -6.58
N ASN C 126 24.28 33.26 -7.21
CA ASN C 126 24.70 33.75 -8.51
C ASN C 126 26.19 34.18 -8.52
N GLY C 127 26.59 34.91 -7.48
CA GLY C 127 27.96 35.40 -7.36
C GLY C 127 28.98 34.28 -7.31
N VAL C 128 28.67 33.23 -6.57
CA VAL C 128 29.56 32.09 -6.44
C VAL C 128 29.64 31.31 -7.74
N LEU C 129 28.48 31.10 -8.38
CA LEU C 129 28.41 30.29 -9.61
C LEU C 129 29.10 30.95 -10.81
N ASP C 130 29.14 32.28 -10.82
CA ASP C 130 29.85 32.98 -11.88
C ASP C 130 31.37 32.82 -11.78
N LYS C 131 31.87 32.57 -10.57
CA LYS C 131 33.29 32.29 -10.38
C LYS C 131 33.60 30.81 -10.53
N ALA C 132 32.65 29.97 -10.12
CA ALA C 132 32.88 28.53 -10.07
C ALA C 132 32.53 27.82 -11.38
N ALA C 133 31.45 28.24 -12.03
CA ALA C 133 30.90 27.51 -13.20
C ALA C 133 31.80 27.46 -14.44
N PRO C 134 32.46 28.59 -14.79
CA PRO C 134 33.38 28.53 -15.92
C PRO C 134 34.61 27.66 -15.67
N VAL C 135 35.05 27.54 -14.42
CA VAL C 135 36.23 26.73 -14.11
C VAL C 135 35.88 25.25 -14.27
N ILE C 136 34.64 24.90 -13.94
CA ILE C 136 34.12 23.55 -14.14
C ILE C 136 33.85 23.27 -15.62
N ARG C 137 33.17 24.19 -16.30
CA ARG C 137 32.85 24.05 -17.72
C ARG C 137 33.39 25.22 -18.56
N PRO C 138 34.64 25.09 -19.04
CA PRO C 138 35.35 26.19 -19.72
C PRO C 138 34.64 26.76 -20.95
N ASN C 139 33.95 25.92 -21.73
CA ASN C 139 33.23 26.38 -22.92
C ASN C 139 31.84 26.96 -22.63
N LYS C 140 31.45 26.99 -21.36
CA LYS C 140 30.21 27.61 -20.89
C LYS C 140 28.94 27.11 -21.58
N LYS C 141 28.94 25.82 -21.93
CA LYS C 141 27.78 25.21 -22.62
C LYS C 141 27.24 24.02 -21.82
N GLY D 1 5.02 9.71 32.23
CA GLY D 1 4.66 10.87 31.38
C GLY D 1 3.63 10.54 30.30
N PRO D 2 3.15 11.57 29.59
CA PRO D 2 2.21 11.54 28.48
C PRO D 2 2.58 10.62 27.33
N LEU D 3 3.88 10.36 27.16
CA LEU D 3 4.35 9.52 26.08
C LEU D 3 3.70 8.14 26.06
N GLY D 4 3.56 7.52 27.22
CA GLY D 4 2.97 6.19 27.34
C GLY D 4 1.47 6.14 27.10
N SER D 5 0.87 7.30 26.86
CA SER D 5 -0.56 7.39 26.57
C SER D 5 -0.81 7.90 25.16
N MET D 6 0.24 7.94 24.35
CA MET D 6 0.13 8.35 22.95
C MET D 6 0.14 7.17 21.99
N GLN D 7 -0.97 6.99 21.28
CA GLN D 7 -1.12 5.91 20.30
C GLN D 7 -0.12 6.06 19.16
N ASN D 8 0.07 7.31 18.74
CA ASN D 8 0.96 7.63 17.67
C ASN D 8 2.19 8.30 18.26
N GLN D 9 3.22 7.50 18.49
CA GLN D 9 4.45 7.92 19.15
C GLN D 9 5.27 8.89 18.28
N ARG D 10 4.75 10.09 18.09
CA ARG D 10 5.36 11.03 17.14
C ARG D 10 5.26 12.46 17.63
N ILE D 11 6.39 13.16 17.60
CA ILE D 11 6.43 14.58 17.94
C ILE D 11 6.64 15.44 16.69
N ARG D 12 5.73 16.39 16.42
CA ARG D 12 5.85 17.32 15.27
C ARG D 12 6.18 18.71 15.75
N ILE D 13 7.24 19.28 15.20
CA ILE D 13 7.74 20.55 15.65
C ILE D 13 7.78 21.48 14.45
N ARG D 14 7.22 22.67 14.62
CA ARG D 14 7.24 23.68 13.59
C ARG D 14 8.06 24.88 14.08
N LEU D 15 9.02 25.31 13.28
CA LEU D 15 9.90 26.42 13.65
C LEU D 15 9.70 27.59 12.71
N LYS D 16 9.69 28.80 13.27
CA LYS D 16 9.62 30.04 12.48
C LYS D 16 10.70 30.97 12.94
N ALA D 17 11.17 31.83 12.04
CA ALA D 17 12.14 32.87 12.41
C ALA D 17 12.42 33.80 11.24
N PHE D 18 12.99 34.96 11.56
CA PHE D 18 13.41 35.92 10.55
C PHE D 18 14.87 35.70 10.19
N ASP D 19 15.65 35.17 11.12
CA ASP D 19 17.07 34.93 10.87
C ASP D 19 17.33 33.45 10.61
N HIS D 20 17.79 33.14 9.40
CA HIS D 20 18.01 31.76 8.98
C HIS D 20 19.13 31.06 9.74
N ARG D 21 20.12 31.82 10.19
CA ARG D 21 21.19 31.26 11.00
C ARG D 21 20.61 30.78 12.31
N LEU D 22 19.68 31.57 12.85
CA LEU D 22 19.08 31.22 14.13
C LEU D 22 18.21 29.99 13.99
N ILE D 23 17.40 29.93 12.92
CA ILE D 23 16.51 28.78 12.70
C ILE D 23 17.27 27.48 12.43
N ASP D 24 18.37 27.56 11.69
CA ASP D 24 19.17 26.38 11.37
C ASP D 24 19.90 25.87 12.62
N GLN D 25 20.35 26.79 13.47
CA GLN D 25 20.94 26.41 14.75
C GLN D 25 19.91 25.71 15.64
N ALA D 26 18.70 26.26 15.67
CA ALA D 26 17.62 25.70 16.49
C ALA D 26 17.29 24.28 16.04
N THR D 27 17.08 24.10 14.73
CA THR D 27 16.79 22.81 14.13
C THR D 27 17.92 21.82 14.44
N ALA D 28 19.18 22.23 14.24
CA ALA D 28 20.31 21.34 14.52
C ALA D 28 20.27 20.85 15.98
N GLU D 29 19.98 21.75 16.91
CA GLU D 29 19.97 21.38 18.32
C GLU D 29 18.84 20.43 18.65
N ILE D 30 17.71 20.60 17.98
CA ILE D 30 16.58 19.73 18.17
C ILE D 30 16.91 18.33 17.65
N VAL D 31 17.41 18.27 16.41
CA VAL D 31 17.82 17.02 15.79
C VAL D 31 18.79 16.29 16.69
N GLU D 32 19.76 17.02 17.23
CA GLU D 32 20.76 16.44 18.13
C GLU D 32 20.15 15.92 19.42
N THR D 33 19.17 16.66 19.94
CA THR D 33 18.51 16.24 21.18
C THR D 33 17.80 14.91 20.94
N ALA D 34 17.12 14.81 19.81
CA ALA D 34 16.48 13.56 19.40
C ALA D 34 17.47 12.41 19.31
N LYS D 35 18.56 12.61 18.55
CA LYS D 35 19.55 11.54 18.33
C LYS D 35 20.30 11.13 19.58
N ARG D 36 20.58 12.09 20.46
CA ARG D 36 21.26 11.79 21.73
C ARG D 36 20.40 10.98 22.71
N THR D 37 19.08 11.06 22.59
CA THR D 37 18.22 10.45 23.59
C THR D 37 17.55 9.18 23.10
N GLY D 38 18.12 8.60 22.03
CA GLY D 38 17.66 7.32 21.49
C GLY D 38 16.53 7.39 20.47
N ALA D 39 16.20 8.59 20.02
CA ALA D 39 15.10 8.80 19.09
C ALA D 39 15.57 8.99 17.65
N GLN D 40 14.61 9.08 16.73
CA GLN D 40 14.92 9.27 15.33
C GLN D 40 14.27 10.54 14.79
N VAL D 41 14.66 10.92 13.58
CA VAL D 41 14.18 12.16 13.02
C VAL D 41 13.65 11.93 11.60
N ARG D 42 12.50 12.52 11.29
N ARG D 42 12.51 12.53 11.30
CA ARG D 42 12.03 12.57 9.91
CA ARG D 42 11.98 12.61 9.93
C ARG D 42 12.05 14.04 9.52
C ARG D 42 12.08 14.07 9.53
N GLY D 43 12.56 14.33 8.33
CA GLY D 43 12.97 15.72 7.96
C GLY D 43 14.27 15.98 8.72
N PRO D 44 14.56 17.24 9.09
CA PRO D 44 13.84 18.48 8.92
C PRO D 44 13.80 18.92 7.49
N ILE D 45 12.79 19.70 7.15
CA ILE D 45 12.67 20.24 5.83
C ILE D 45 12.39 21.73 5.98
N PRO D 46 13.04 22.56 5.12
CA PRO D 46 12.72 23.97 5.05
C PRO D 46 11.53 24.17 4.15
N LEU D 47 10.71 25.17 4.43
CA LEU D 47 9.56 25.45 3.60
C LEU D 47 9.79 26.67 2.71
N PRO D 48 9.12 26.73 1.55
CA PRO D 48 9.18 27.95 0.76
C PRO D 48 8.86 29.17 1.62
N THR D 49 9.77 30.14 1.66
CA THR D 49 9.69 31.32 2.56
C THR D 49 8.43 32.20 2.40
N ARG D 50 7.99 32.43 1.16
CA ARG D 50 6.82 33.30 0.84
C ARG D 50 7.06 34.78 1.20
N SER D 51 7.05 35.10 2.50
CA SER D 51 7.34 36.46 2.99
C SER D 51 8.81 36.54 3.46
N ARG D 52 9.08 37.23 4.56
CA ARG D 52 10.46 37.27 5.08
C ARG D 52 10.70 36.26 6.23
N THR D 53 9.70 35.42 6.52
CA THR D 53 9.80 34.40 7.56
C THR D 53 10.35 33.10 6.99
N HIS D 54 11.25 32.46 7.74
CA HIS D 54 11.76 31.14 7.43
C HIS D 54 11.01 30.08 8.22
N LEU D 55 10.78 28.92 7.62
CA LEU D 55 10.03 27.83 8.24
C LEU D 55 10.73 26.49 8.11
N ARG D 56 10.72 25.73 9.19
CA ARG D 56 11.27 24.40 9.24
C ARG D 56 10.27 23.48 9.94
N LEU D 57 10.06 22.29 9.37
CA LEU D 57 9.30 21.23 9.99
C LEU D 57 10.22 20.09 10.33
N VAL D 58 10.05 19.54 11.52
CA VAL D 58 10.76 18.34 11.88
C VAL D 58 9.85 17.43 12.71
N ASP D 59 9.96 16.11 12.48
CA ASP D 59 9.25 15.14 13.31
C ASP D 59 10.25 14.26 14.01
N ILE D 60 9.97 13.98 15.28
CA ILE D 60 10.74 13.06 16.06
C ILE D 60 9.87 11.82 16.21
N VAL D 61 10.35 10.69 15.69
CA VAL D 61 9.69 9.42 15.87
C VAL D 61 10.54 8.60 16.83
N GLU D 62 9.96 7.52 17.36
CA GLU D 62 10.60 6.63 18.34
C GLU D 62 11.16 7.36 19.58
N PRO D 63 10.44 8.36 20.09
CA PRO D 63 10.98 9.11 21.24
C PRO D 63 11.05 8.27 22.50
N THR D 64 11.97 8.60 23.41
CA THR D 64 12.00 7.99 24.71
C THR D 64 11.50 9.02 25.74
N GLU D 65 11.26 8.58 26.97
CA GLU D 65 10.87 9.52 28.00
C GLU D 65 11.93 10.64 28.09
N LYS D 66 13.20 10.27 27.95
CA LYS D 66 14.33 11.21 27.98
C LYS D 66 14.29 12.25 26.84
N THR D 67 13.82 11.81 25.68
CA THR D 67 13.63 12.69 24.53
C THR D 67 12.61 13.77 24.82
N VAL D 68 11.49 13.38 25.41
CA VAL D 68 10.44 14.32 25.75
C VAL D 68 10.96 15.30 26.79
N ASP D 69 11.59 14.76 27.83
CA ASP D 69 12.28 15.56 28.83
C ASP D 69 13.19 16.61 28.22
N ALA D 70 14.14 16.17 27.39
CA ALA D 70 15.12 17.08 26.86
C ALA D 70 14.46 18.19 26.03
N LEU D 71 13.55 17.82 25.13
CA LEU D 71 12.82 18.81 24.33
C LEU D 71 12.21 19.90 25.17
N MET D 72 11.44 19.51 26.19
CA MET D 72 10.79 20.46 27.09
C MET D 72 11.75 21.29 27.97
N ARG D 73 13.02 20.89 28.06
CA ARG D 73 14.04 21.66 28.79
C ARG D 73 14.84 22.53 27.84
N LEU D 74 14.58 22.42 26.54
CA LEU D 74 15.43 23.10 25.56
C LEU D 74 15.05 24.57 25.28
N ASP D 75 15.97 25.46 25.64
CA ASP D 75 15.84 26.89 25.39
C ASP D 75 16.22 27.23 23.96
N LEU D 76 15.30 27.80 23.21
CA LEU D 76 15.60 28.23 21.87
C LEU D 76 15.91 29.72 21.87
N ALA D 77 16.79 30.15 20.95
CA ALA D 77 17.26 31.52 20.93
C ALA D 77 16.10 32.53 20.74
N ALA D 78 16.26 33.70 21.34
CA ALA D 78 15.32 34.77 21.11
C ALA D 78 15.14 34.94 19.61
N GLY D 79 13.90 35.06 19.17
CA GLY D 79 13.65 35.29 17.76
C GLY D 79 13.42 34.03 16.97
N VAL D 80 13.26 32.89 17.66
CA VAL D 80 12.81 31.67 17.02
C VAL D 80 11.53 31.22 17.70
N ASP D 81 10.49 31.04 16.89
CA ASP D 81 9.15 30.65 17.36
C ASP D 81 8.93 29.18 17.16
N VAL D 82 8.25 28.55 18.10
CA VAL D 82 8.12 27.10 18.08
C VAL D 82 6.68 26.67 18.32
N GLN D 83 6.29 25.56 17.68
CA GLN D 83 5.01 24.91 17.90
C GLN D 83 5.28 23.42 18.01
N ILE D 84 4.71 22.79 19.03
CA ILE D 84 5.03 21.39 19.31
C ILE D 84 3.76 20.59 19.52
N SER D 85 3.59 19.52 18.77
CA SER D 85 2.48 18.63 19.03
C SER D 85 2.94 17.21 19.29
N LEU D 86 2.39 16.58 20.32
CA LEU D 86 2.71 15.22 20.70
C LEU D 86 1.48 14.34 20.53
N GLY D 87 1.69 13.20 19.86
CA GLY D 87 0.61 12.25 19.55
C GLY D 87 -0.28 12.73 18.43
N PRO E 5 -36.95 -19.35 -20.54
CA PRO E 5 -37.62 -19.79 -19.31
C PRO E 5 -36.69 -19.70 -18.08
N ALA E 6 -35.44 -20.13 -18.24
CA ALA E 6 -34.44 -19.98 -17.19
C ALA E 6 -33.94 -18.54 -17.18
N ALA E 7 -34.03 -17.88 -18.33
CA ALA E 7 -33.64 -16.47 -18.45
C ALA E 7 -34.49 -15.57 -17.56
N ARG E 8 -35.76 -15.91 -17.40
CA ARG E 8 -36.66 -15.14 -16.55
C ARG E 8 -36.38 -15.41 -15.08
N ARG E 9 -36.10 -16.67 -14.74
CA ARG E 9 -35.67 -17.02 -13.40
C ARG E 9 -34.42 -16.23 -12.99
N ARG E 10 -33.39 -16.28 -13.83
CA ARG E 10 -32.15 -15.57 -13.53
C ARG E 10 -32.43 -14.08 -13.26
N ALA E 11 -33.32 -13.50 -14.06
CA ALA E 11 -33.74 -12.12 -13.86
C ALA E 11 -34.45 -11.91 -12.52
N ARG E 12 -35.21 -12.90 -12.07
CA ARG E 12 -35.82 -12.85 -10.73
C ARG E 12 -34.75 -12.89 -9.63
N GLU E 13 -33.73 -13.73 -9.82
CA GLU E 13 -32.64 -13.83 -8.85
C GLU E 13 -31.89 -12.50 -8.73
N CYS E 14 -31.59 -11.90 -9.87
CA CYS E 14 -30.94 -10.60 -9.92
C CYS E 14 -31.81 -9.50 -9.36
N ALA E 15 -33.11 -9.59 -9.64
CA ALA E 15 -34.09 -8.65 -9.09
C ALA E 15 -34.12 -8.68 -7.57
N VAL E 16 -34.01 -9.88 -6.99
CA VAL E 16 -33.93 -10.00 -5.53
C VAL E 16 -32.69 -9.28 -5.01
N GLN E 17 -31.53 -9.65 -5.55
CA GLN E 17 -30.26 -9.07 -5.16
C GLN E 17 -30.30 -7.56 -5.27
N ALA E 18 -30.83 -7.08 -6.40
CA ALA E 18 -30.87 -5.65 -6.72
C ALA E 18 -31.82 -4.91 -5.78
N LEU E 19 -32.95 -5.54 -5.46
CA LEU E 19 -33.91 -4.96 -4.55
C LEU E 19 -33.37 -4.90 -3.13
N TYR E 20 -32.65 -5.95 -2.72
CA TYR E 20 -31.96 -5.97 -1.43
C TYR E 20 -30.99 -4.80 -1.34
N SER E 21 -30.30 -4.53 -2.45
CA SER E 21 -29.40 -3.39 -2.55
C SER E 21 -30.15 -2.10 -2.36
N TRP E 22 -31.28 -1.97 -3.06
CA TRP E 22 -32.06 -0.76 -2.99
C TRP E 22 -32.53 -0.55 -1.57
N GLN E 23 -32.98 -1.64 -0.93
CA GLN E 23 -33.52 -1.57 0.43
C GLN E 23 -32.48 -1.15 1.45
N LEU E 24 -31.25 -1.61 1.27
CA LEU E 24 -30.19 -1.38 2.24
C LEU E 24 -29.42 -0.09 1.98
N SER E 25 -29.17 0.22 0.72
CA SER E 25 -28.34 1.38 0.39
C SER E 25 -29.09 2.69 0.50
N GLN E 26 -30.38 2.64 0.17
CA GLN E 26 -31.25 3.82 0.06
C GLN E 26 -30.82 4.71 -1.11
N ASN E 27 -30.05 4.11 -2.03
CA ASN E 27 -29.62 4.79 -3.25
C ASN E 27 -30.74 4.90 -4.28
N ASP E 28 -30.61 5.91 -5.16
CA ASP E 28 -31.43 6.08 -6.34
C ASP E 28 -31.65 4.74 -7.02
N ILE E 29 -32.91 4.39 -7.24
CA ILE E 29 -33.23 3.13 -7.91
C ILE E 29 -32.58 3.05 -9.29
N ALA E 30 -32.49 4.20 -9.95
CA ALA E 30 -31.88 4.29 -11.28
C ALA E 30 -30.40 3.88 -11.23
N ASP E 31 -29.70 4.39 -10.21
CA ASP E 31 -28.29 4.07 -9.99
C ASP E 31 -28.09 2.62 -9.53
N VAL E 32 -28.96 2.13 -8.65
CA VAL E 32 -28.89 0.74 -8.25
C VAL E 32 -29.01 -0.15 -9.49
N GLU E 33 -29.94 0.19 -10.38
CA GLU E 33 -30.13 -0.58 -11.62
C GLU E 33 -28.90 -0.53 -12.50
N TYR E 34 -28.40 0.68 -12.74
CA TYR E 34 -27.26 0.85 -13.60
C TYR E 34 -26.06 0.06 -13.05
N GLN E 35 -25.71 0.31 -11.79
CA GLN E 35 -24.57 -0.35 -11.16
C GLN E 35 -24.65 -1.87 -11.19
N PHE E 36 -25.82 -2.43 -10.93
CA PHE E 36 -25.97 -3.89 -10.97
C PHE E 36 -25.69 -4.45 -12.37
N LEU E 37 -26.25 -3.82 -13.39
CA LEU E 37 -26.09 -4.31 -14.76
C LEU E 37 -24.65 -4.13 -15.27
N ALA E 38 -24.11 -2.92 -15.09
CA ALA E 38 -22.70 -2.65 -15.36
C ALA E 38 -21.76 -3.72 -14.77
N GLU E 39 -21.92 -4.03 -13.49
CA GLU E 39 -20.89 -4.77 -12.75
C GLU E 39 -21.06 -6.27 -12.76
N GLN E 40 -22.30 -6.74 -12.61
CA GLN E 40 -22.55 -8.18 -12.52
C GLN E 40 -22.47 -8.84 -13.88
N ASP E 41 -22.20 -10.14 -13.87
CA ASP E 41 -22.24 -10.94 -15.07
C ASP E 41 -23.70 -11.37 -15.29
N VAL E 42 -24.37 -10.68 -16.19
CA VAL E 42 -25.76 -10.95 -16.50
C VAL E 42 -25.93 -11.55 -17.90
N LYS E 43 -25.01 -12.43 -18.28
CA LYS E 43 -25.00 -12.96 -19.65
C LYS E 43 -26.19 -13.86 -20.00
N ASP E 44 -26.81 -14.47 -18.98
CA ASP E 44 -27.90 -15.40 -19.23
C ASP E 44 -29.23 -14.88 -18.65
N VAL E 45 -29.31 -13.56 -18.52
CA VAL E 45 -30.45 -12.92 -17.86
C VAL E 45 -31.34 -12.25 -18.90
N ASP E 46 -32.66 -12.43 -18.77
CA ASP E 46 -33.63 -11.61 -19.51
C ASP E 46 -33.59 -10.21 -18.92
N VAL E 47 -32.73 -9.38 -19.47
CA VAL E 47 -32.47 -8.05 -18.92
C VAL E 47 -33.74 -7.19 -18.88
N LEU E 48 -34.45 -7.10 -20.00
CA LEU E 48 -35.66 -6.29 -20.09
C LEU E 48 -36.59 -6.53 -18.90
N TYR E 49 -36.85 -7.81 -18.61
CA TYR E 49 -37.76 -8.22 -17.56
C TYR E 49 -37.20 -7.81 -16.20
N PHE E 50 -35.89 -7.95 -16.04
CA PHE E 50 -35.20 -7.51 -14.82
C PHE E 50 -35.46 -6.02 -14.57
N ARG E 51 -35.25 -5.20 -15.60
CA ARG E 51 -35.42 -3.75 -15.48
C ARG E 51 -36.87 -3.40 -15.17
N GLU E 52 -37.79 -4.13 -15.80
CA GLU E 52 -39.23 -3.98 -15.55
C GLU E 52 -39.58 -4.33 -14.11
N LEU E 53 -39.13 -5.49 -13.64
CA LEU E 53 -39.34 -5.92 -12.26
C LEU E 53 -38.86 -4.87 -11.26
N LEU E 54 -37.74 -4.24 -11.59
CA LEU E 54 -37.09 -3.30 -10.68
C LEU E 54 -37.90 -2.03 -10.56
N ALA E 55 -37.95 -1.22 -11.62
CA ALA E 55 -38.74 0.02 -11.65
C ALA E 55 -40.21 -0.24 -11.33
N GLY E 56 -40.67 -1.42 -11.71
CA GLY E 56 -42.04 -1.84 -11.44
C GLY E 56 -42.31 -2.03 -9.97
N VAL E 57 -41.29 -2.33 -9.19
CA VAL E 57 -41.45 -2.51 -7.74
C VAL E 57 -41.23 -1.20 -6.97
N ALA E 58 -40.14 -0.51 -7.28
CA ALA E 58 -39.74 0.67 -6.50
C ALA E 58 -40.68 1.87 -6.63
N THR E 59 -41.45 1.89 -7.73
CA THR E 59 -42.41 2.98 -7.96
C THR E 59 -43.80 2.61 -7.49
N ASN E 60 -44.14 1.33 -7.55
CA ASN E 60 -45.40 0.82 -7.03
C ASN E 60 -45.23 0.22 -5.63
N THR E 61 -44.35 0.87 -4.86
CA THR E 61 -44.00 0.43 -3.51
C THR E 61 -45.23 0.35 -2.60
N ALA E 62 -45.93 1.48 -2.47
CA ALA E 62 -47.14 1.57 -1.64
C ALA E 62 -48.22 0.58 -2.07
N TYR E 63 -48.47 0.52 -3.37
CA TYR E 63 -49.47 -0.39 -3.93
C TYR E 63 -49.15 -1.87 -3.63
N LEU E 64 -47.87 -2.23 -3.74
CA LEU E 64 -47.44 -3.61 -3.51
C LEU E 64 -47.35 -3.96 -2.02
N ASP E 65 -46.93 -2.99 -1.20
CA ASP E 65 -46.95 -3.13 0.25
C ASP E 65 -48.39 -3.29 0.73
N GLY E 66 -49.30 -2.53 0.13
CA GLY E 66 -50.71 -2.51 0.51
C GLY E 66 -51.45 -3.82 0.31
N LEU E 67 -51.03 -4.58 -0.70
CA LEU E 67 -51.61 -5.89 -0.99
C LEU E 67 -51.19 -6.94 0.05
N MET E 68 -50.14 -6.62 0.80
CA MET E 68 -49.45 -7.58 1.66
C MET E 68 -49.86 -7.50 3.13
N LYS E 69 -50.05 -6.29 3.64
N LYS E 69 -50.05 -6.29 3.62
CA LYS E 69 -50.28 -6.06 5.07
CA LYS E 69 -50.29 -6.01 5.04
C LYS E 69 -51.45 -6.79 5.75
C LYS E 69 -51.43 -6.80 5.72
N PRO E 70 -52.60 -6.97 5.05
CA PRO E 70 -53.68 -7.72 5.70
C PRO E 70 -53.41 -9.24 5.79
N TYR E 71 -52.44 -9.72 5.02
CA TYR E 71 -52.07 -11.13 5.00
C TYR E 71 -50.76 -11.40 5.73
N LEU E 72 -50.25 -10.36 6.41
CA LEU E 72 -49.18 -10.51 7.38
C LEU E 72 -49.80 -10.72 8.76
N SER E 73 -48.95 -11.02 9.74
CA SER E 73 -49.36 -11.12 11.14
C SER E 73 -48.38 -10.32 11.98
N ARG E 74 -47.14 -10.26 11.48
CA ARG E 74 -46.08 -9.42 12.01
C ARG E 74 -45.87 -8.27 11.01
N LEU E 75 -45.89 -7.04 11.53
CA LEU E 75 -45.85 -5.80 10.71
C LEU E 75 -44.75 -5.75 9.63
N LEU E 76 -44.96 -4.86 8.66
CA LEU E 76 -44.16 -4.78 7.42
C LEU E 76 -42.66 -4.47 7.60
N GLU E 77 -42.31 -3.75 8.67
CA GLU E 77 -40.90 -3.45 8.97
C GLU E 77 -40.23 -4.57 9.79
N GLU E 78 -41.01 -5.60 10.13
CA GLU E 78 -40.56 -6.68 11.01
C GLU E 78 -40.36 -8.01 10.26
N LEU E 79 -39.84 -7.94 9.04
CA LEU E 79 -39.61 -9.13 8.23
C LEU E 79 -38.23 -9.16 7.59
N GLY E 80 -37.65 -10.36 7.52
CA GLY E 80 -36.32 -10.58 6.95
C GLY E 80 -36.15 -10.03 5.54
N GLN E 81 -35.18 -9.15 5.37
CA GLN E 81 -35.10 -8.30 4.18
C GLN E 81 -35.04 -9.01 2.82
N VAL E 82 -34.56 -10.26 2.80
CA VAL E 82 -34.62 -11.11 1.60
C VAL E 82 -36.05 -11.62 1.41
N GLU E 83 -36.57 -12.28 2.45
CA GLU E 83 -37.95 -12.76 2.47
C GLU E 83 -38.88 -11.66 1.98
N LYS E 84 -38.57 -10.44 2.40
CA LYS E 84 -39.30 -9.24 1.99
C LYS E 84 -39.26 -9.08 0.48
N ALA E 85 -38.05 -8.97 -0.07
CA ALA E 85 -37.84 -8.74 -1.51
C ALA E 85 -38.56 -9.76 -2.38
N VAL E 86 -38.39 -11.05 -2.04
CA VAL E 86 -39.04 -12.16 -2.74
C VAL E 86 -40.55 -11.95 -2.84
N LEU E 87 -41.18 -11.66 -1.71
CA LEU E 87 -42.63 -11.44 -1.70
C LEU E 87 -42.99 -10.26 -2.59
N ARG E 88 -42.41 -9.09 -2.31
CA ARG E 88 -42.57 -7.91 -3.18
C ARG E 88 -42.58 -8.28 -4.67
N ILE E 89 -41.66 -9.15 -5.09
CA ILE E 89 -41.57 -9.60 -6.49
C ILE E 89 -42.77 -10.42 -6.91
N ALA E 90 -43.06 -11.47 -6.15
CA ALA E 90 -44.12 -12.44 -6.47
C ALA E 90 -45.49 -11.77 -6.63
N LEU E 91 -45.80 -10.83 -5.72
CA LEU E 91 -47.05 -10.09 -5.74
C LEU E 91 -47.17 -9.18 -6.95
N TYR E 92 -46.05 -8.60 -7.37
CA TYR E 92 -46.02 -7.78 -8.57
C TYR E 92 -46.25 -8.64 -9.81
N GLU E 93 -45.81 -9.89 -9.74
CA GLU E 93 -46.07 -10.84 -10.82
C GLU E 93 -47.51 -11.29 -10.76
N LEU E 94 -48.03 -11.43 -9.53
CA LEU E 94 -49.43 -11.72 -9.30
C LEU E 94 -50.26 -10.44 -9.36
N SER E 95 -50.24 -9.81 -10.54
CA SER E 95 -50.76 -8.47 -10.83
C SER E 95 -49.79 -7.87 -11.83
N LYS E 96 -50.17 -6.79 -12.49
CA LYS E 96 -49.35 -6.12 -13.52
C LYS E 96 -48.86 -7.03 -14.66
N ARG E 97 -48.28 -8.18 -14.30
CA ARG E 97 -47.69 -9.10 -15.27
C ARG E 97 -48.64 -10.25 -15.61
N SER E 98 -49.47 -10.03 -16.63
CA SER E 98 -50.49 -11.00 -17.02
C SER E 98 -49.89 -12.16 -17.81
N ASP E 99 -48.72 -11.94 -18.41
CA ASP E 99 -48.00 -12.96 -19.17
C ASP E 99 -47.20 -13.90 -18.26
N VAL E 100 -47.48 -13.84 -16.96
CA VAL E 100 -46.90 -14.76 -15.98
C VAL E 100 -48.01 -15.64 -15.39
N PRO E 101 -47.87 -16.97 -15.51
CA PRO E 101 -48.88 -17.90 -14.98
C PRO E 101 -48.85 -18.02 -13.45
N TYR E 102 -49.99 -18.36 -12.86
CA TYR E 102 -50.21 -18.34 -11.41
C TYR E 102 -49.33 -19.28 -10.59
N LYS E 103 -49.12 -20.49 -11.10
CA LYS E 103 -48.25 -21.47 -10.43
C LYS E 103 -46.77 -21.06 -10.45
N VAL E 104 -46.40 -20.32 -11.51
CA VAL E 104 -45.03 -19.91 -11.72
C VAL E 104 -44.59 -18.90 -10.67
N ALA E 105 -45.38 -17.84 -10.52
CA ALA E 105 -45.09 -16.77 -9.54
C ALA E 105 -44.97 -17.29 -8.10
N ILE E 106 -45.70 -18.36 -7.79
CA ILE E 106 -45.64 -19.02 -6.49
C ILE E 106 -44.39 -19.89 -6.41
N ASN E 107 -44.20 -20.75 -7.41
CA ASN E 107 -43.10 -21.69 -7.44
C ASN E 107 -41.73 -21.00 -7.52
N GLU E 108 -41.69 -19.82 -8.13
CA GLU E 108 -40.45 -19.05 -8.27
C GLU E 108 -40.07 -18.44 -6.93
N ALA E 109 -41.06 -17.90 -6.22
CA ALA E 109 -40.88 -17.40 -4.86
C ALA E 109 -40.32 -18.47 -3.92
N ILE E 110 -40.91 -19.67 -3.97
CA ILE E 110 -40.40 -20.83 -3.21
C ILE E 110 -38.90 -21.03 -3.46
N GLU E 111 -38.52 -21.03 -4.74
CA GLU E 111 -37.13 -21.25 -5.14
C GLU E 111 -36.21 -20.10 -4.77
N LEU E 112 -36.69 -18.87 -4.96
CA LEU E 112 -35.96 -17.67 -4.55
C LEU E 112 -35.62 -17.67 -3.05
N ALA E 113 -36.57 -18.13 -2.24
CA ALA E 113 -36.39 -18.22 -0.80
C ALA E 113 -35.46 -19.36 -0.43
N LYS E 114 -35.54 -20.46 -1.16
CA LYS E 114 -34.65 -21.62 -0.95
C LYS E 114 -33.19 -21.33 -1.37
N SER E 115 -33.00 -20.41 -2.30
CA SER E 115 -31.65 -20.04 -2.71
C SER E 115 -31.01 -19.01 -1.79
N PHE E 116 -31.77 -17.96 -1.46
CA PHE E 116 -31.22 -16.88 -0.65
C PHE E 116 -31.48 -17.05 0.86
N GLY E 117 -32.74 -17.08 1.24
CA GLY E 117 -33.12 -17.14 2.66
C GLY E 117 -32.77 -18.41 3.41
N ALA E 118 -33.09 -18.41 4.71
CA ALA E 118 -32.84 -19.54 5.60
C ALA E 118 -33.51 -20.84 5.14
N GLU E 119 -33.12 -21.94 5.77
CA GLU E 119 -33.75 -23.24 5.55
C GLU E 119 -35.28 -23.14 5.67
N ASN E 120 -35.72 -22.33 6.63
CA ASN E 120 -37.15 -22.10 6.89
C ASN E 120 -37.85 -21.15 5.92
N SER E 121 -37.09 -20.19 5.40
CA SER E 121 -37.63 -19.02 4.67
C SER E 121 -38.72 -19.33 3.64
N HIS E 122 -38.55 -20.41 2.89
CA HIS E 122 -39.49 -20.76 1.82
C HIS E 122 -40.89 -21.11 2.33
N LYS E 123 -40.98 -21.85 3.43
CA LYS E 123 -42.27 -22.24 3.98
C LYS E 123 -43.04 -21.07 4.56
N PHE E 124 -42.32 -20.04 5.00
CA PHE E 124 -42.95 -18.79 5.38
C PHE E 124 -43.60 -18.11 4.18
N VAL E 125 -42.77 -17.87 3.15
CA VAL E 125 -43.20 -17.27 1.88
C VAL E 125 -44.34 -18.07 1.24
N ASN E 126 -44.19 -19.40 1.28
CA ASN E 126 -45.20 -20.34 0.78
C ASN E 126 -46.50 -20.20 1.56
N GLY E 127 -46.37 -20.04 2.88
CA GLY E 127 -47.51 -19.83 3.77
C GLY E 127 -48.30 -18.60 3.36
N VAL E 128 -47.61 -17.47 3.24
CA VAL E 128 -48.26 -16.19 2.90
C VAL E 128 -49.01 -16.26 1.56
N LEU E 129 -48.39 -16.86 0.55
CA LEU E 129 -48.90 -16.83 -0.82
C LEU E 129 -50.15 -17.68 -1.07
N ASP E 130 -50.41 -18.64 -0.19
CA ASP E 130 -51.64 -19.42 -0.24
C ASP E 130 -52.84 -18.58 0.19
N LYS E 131 -52.55 -17.36 0.67
CA LYS E 131 -53.56 -16.45 1.17
C LYS E 131 -53.68 -15.23 0.27
N ALA E 132 -52.55 -14.62 -0.08
CA ALA E 132 -52.53 -13.36 -0.80
C ALA E 132 -52.86 -13.47 -2.30
N ALA E 133 -52.42 -14.56 -2.92
CA ALA E 133 -52.62 -14.80 -4.35
C ALA E 133 -54.08 -15.09 -4.76
N PRO E 134 -54.77 -16.00 -4.04
CA PRO E 134 -56.19 -16.27 -4.35
C PRO E 134 -57.06 -15.02 -4.50
N VAL E 135 -56.58 -13.90 -3.97
CA VAL E 135 -57.35 -12.66 -3.90
C VAL E 135 -57.14 -11.74 -5.10
N ILE E 136 -55.88 -11.54 -5.49
CA ILE E 136 -55.56 -10.63 -6.59
C ILE E 136 -55.89 -11.24 -7.95
N ARG E 137 -55.90 -12.58 -8.01
CA ARG E 137 -56.32 -13.31 -9.21
C ARG E 137 -57.33 -14.38 -8.81
N PRO E 138 -58.64 -14.08 -9.00
CA PRO E 138 -59.73 -14.96 -8.57
C PRO E 138 -59.72 -16.34 -9.26
N ASN E 139 -59.29 -16.38 -10.52
CA ASN E 139 -59.31 -17.62 -11.31
C ASN E 139 -58.16 -18.59 -10.99
N LYS E 140 -57.09 -18.07 -10.39
CA LYS E 140 -55.93 -18.87 -9.98
C LYS E 140 -55.16 -19.53 -11.14
N LYS E 141 -55.17 -18.91 -12.32
CA LYS E 141 -54.42 -19.45 -13.46
C LYS E 141 -53.39 -18.47 -14.05
N GLY F 1 -1.37 6.96 6.02
CA GLY F 1 -1.91 5.57 5.85
C GLY F 1 -1.83 5.04 4.44
N PRO F 2 -2.22 3.77 4.23
CA PRO F 2 -2.09 3.07 2.96
C PRO F 2 -3.18 3.40 1.93
N LEU F 3 -4.23 4.11 2.34
CA LEU F 3 -5.28 4.53 1.42
C LEU F 3 -4.69 5.18 0.15
N GLY F 4 -3.76 6.11 0.34
CA GLY F 4 -3.08 6.77 -0.77
C GLY F 4 -2.19 5.89 -1.65
N SER F 5 -1.88 4.68 -1.19
CA SER F 5 -1.12 3.72 -1.99
C SER F 5 -2.00 2.67 -2.70
N MET F 6 -3.32 2.88 -2.67
CA MET F 6 -4.24 1.92 -3.26
C MET F 6 -4.73 2.40 -4.60
N GLN F 7 -4.29 1.72 -5.65
CA GLN F 7 -4.68 1.98 -7.03
C GLN F 7 -6.21 1.97 -7.19
N ASN F 8 -6.85 0.93 -6.69
CA ASN F 8 -8.29 0.85 -6.67
C ASN F 8 -8.83 1.39 -5.32
N GLN F 9 -9.53 2.51 -5.39
CA GLN F 9 -10.08 3.15 -4.19
C GLN F 9 -11.39 2.46 -3.78
N ARG F 10 -11.27 1.19 -3.37
CA ARG F 10 -12.43 0.38 -3.06
C ARG F 10 -12.16 -0.50 -1.85
N ILE F 11 -13.12 -0.59 -0.94
CA ILE F 11 -13.02 -1.48 0.22
C ILE F 11 -14.12 -2.52 0.08
N ARG F 12 -13.74 -3.76 -0.20
CA ARG F 12 -14.71 -4.84 -0.38
C ARG F 12 -14.91 -5.68 0.90
N ILE F 13 -16.16 -5.92 1.27
CA ILE F 13 -16.48 -6.59 2.52
C ILE F 13 -17.40 -7.80 2.30
N ARG F 14 -16.90 -8.96 2.69
CA ARG F 14 -17.63 -10.22 2.60
C ARG F 14 -18.13 -10.69 3.98
N LEU F 15 -19.46 -10.73 4.12
CA LEU F 15 -20.09 -11.12 5.38
C LEU F 15 -20.61 -12.55 5.35
N LYS F 16 -20.52 -13.21 6.49
CA LYS F 16 -20.93 -14.59 6.64
C LYS F 16 -21.67 -14.70 7.98
N ALA F 17 -22.79 -15.41 8.00
CA ALA F 17 -23.58 -15.60 9.24
C ALA F 17 -24.54 -16.78 9.14
N PHE F 18 -24.75 -17.48 10.26
CA PHE F 18 -25.75 -18.55 10.31
C PHE F 18 -27.18 -18.02 10.49
N ASP F 19 -27.31 -16.77 10.93
CA ASP F 19 -28.62 -16.15 11.16
C ASP F 19 -28.77 -14.80 10.46
N HIS F 20 -29.78 -14.69 9.60
CA HIS F 20 -29.92 -13.55 8.69
C HIS F 20 -30.24 -12.20 9.34
N ARG F 21 -30.92 -12.21 10.47
CA ARG F 21 -31.30 -10.97 11.18
C ARG F 21 -30.07 -10.14 11.57
N LEU F 22 -29.01 -10.82 12.01
CA LEU F 22 -27.77 -10.15 12.38
C LEU F 22 -26.94 -9.73 11.16
N ILE F 23 -27.08 -10.48 10.07
CA ILE F 23 -26.31 -10.20 8.86
C ILE F 23 -26.85 -8.94 8.17
N ASP F 24 -28.16 -8.78 8.19
CA ASP F 24 -28.79 -7.58 7.65
C ASP F 24 -28.49 -6.35 8.52
N GLN F 25 -28.46 -6.56 9.84
CA GLN F 25 -28.07 -5.51 10.80
C GLN F 25 -26.63 -5.12 10.55
N ALA F 26 -25.76 -6.13 10.47
CA ALA F 26 -24.34 -5.92 10.19
C ALA F 26 -24.14 -5.13 8.91
N THR F 27 -24.81 -5.56 7.84
CA THR F 27 -24.77 -4.88 6.55
C THR F 27 -25.17 -3.42 6.64
N ALA F 28 -26.32 -3.16 7.28
CA ALA F 28 -26.80 -1.80 7.51
C ALA F 28 -25.83 -0.94 8.33
N GLU F 29 -25.07 -1.57 9.22
CA GLU F 29 -24.04 -0.88 10.00
C GLU F 29 -22.87 -0.47 9.12
N ILE F 30 -22.43 -1.38 8.26
CA ILE F 30 -21.38 -1.08 7.30
C ILE F 30 -21.84 0.03 6.36
N VAL F 31 -23.09 -0.04 5.92
CA VAL F 31 -23.73 0.99 5.08
C VAL F 31 -23.79 2.36 5.77
N GLU F 32 -24.34 2.40 6.98
CA GLU F 32 -24.42 3.65 7.76
C GLU F 32 -23.02 4.25 7.92
N THR F 33 -22.08 3.41 8.34
CA THR F 33 -20.70 3.80 8.52
C THR F 33 -20.15 4.52 7.28
N ALA F 34 -20.39 3.93 6.11
CA ALA F 34 -19.87 4.47 4.86
C ALA F 34 -20.39 5.86 4.53
N LYS F 35 -21.71 6.00 4.46
CA LYS F 35 -22.31 7.28 4.09
C LYS F 35 -22.14 8.36 5.17
N ARG F 36 -22.04 7.93 6.42
CA ARG F 36 -21.70 8.83 7.53
C ARG F 36 -20.34 9.49 7.30
N THR F 37 -19.37 8.70 6.81
CA THR F 37 -17.99 9.17 6.70
C THR F 37 -17.62 9.71 5.31
N GLY F 38 -18.63 10.07 4.52
CA GLY F 38 -18.39 10.69 3.21
C GLY F 38 -18.11 9.75 2.05
N ALA F 39 -18.21 8.45 2.27
CA ALA F 39 -18.07 7.49 1.18
C ALA F 39 -19.44 7.09 0.60
N GLN F 40 -19.39 6.40 -0.54
CA GLN F 40 -20.58 5.87 -1.19
C GLN F 40 -20.64 4.35 -1.10
N VAL F 41 -21.76 3.78 -1.54
CA VAL F 41 -21.95 2.34 -1.45
C VAL F 41 -22.35 1.72 -2.80
N ARG F 42 -21.85 0.51 -3.03
CA ARG F 42 -22.27 -0.30 -4.15
C ARG F 42 -22.72 -1.64 -3.61
N GLY F 43 -23.86 -2.12 -4.11
CA GLY F 43 -24.59 -3.19 -3.45
C GLY F 43 -25.25 -2.57 -2.21
N PRO F 44 -25.30 -3.30 -1.09
CA PRO F 44 -24.88 -4.69 -0.89
C PRO F 44 -25.80 -5.68 -1.55
N ILE F 45 -25.28 -6.87 -1.82
CA ILE F 45 -26.11 -7.92 -2.41
C ILE F 45 -26.07 -9.16 -1.51
N PRO F 46 -27.14 -9.98 -1.55
CA PRO F 46 -27.07 -11.28 -0.93
C PRO F 46 -26.60 -12.33 -1.93
N LEU F 47 -25.95 -13.37 -1.44
CA LEU F 47 -25.50 -14.45 -2.31
C LEU F 47 -26.29 -15.74 -2.07
N PRO F 48 -26.59 -16.47 -3.16
CA PRO F 48 -27.32 -17.74 -3.02
C PRO F 48 -26.44 -18.80 -2.36
N THR F 49 -27.01 -19.60 -1.48
CA THR F 49 -26.28 -20.68 -0.83
C THR F 49 -27.00 -22.00 -0.91
N ARG F 50 -26.22 -23.07 -1.06
CA ARG F 50 -26.71 -24.44 -0.97
C ARG F 50 -26.81 -24.87 0.51
N SER F 51 -25.85 -24.40 1.31
CA SER F 51 -25.77 -24.71 2.74
C SER F 51 -26.77 -23.90 3.57
N ARG F 52 -26.50 -23.82 4.88
CA ARG F 52 -27.34 -23.07 5.83
C ARG F 52 -26.80 -21.67 6.08
N THR F 53 -25.67 -21.35 5.45
CA THR F 53 -24.94 -20.11 5.68
C THR F 53 -25.47 -18.94 4.85
N HIS F 54 -25.76 -17.82 5.51
CA HIS F 54 -26.11 -16.57 4.82
C HIS F 54 -24.87 -15.77 4.44
N LEU F 55 -25.01 -14.97 3.37
CA LEU F 55 -23.89 -14.29 2.74
C LEU F 55 -24.25 -12.89 2.26
N ARG F 56 -23.44 -11.90 2.64
CA ARG F 56 -23.55 -10.56 2.04
C ARG F 56 -22.22 -10.03 1.48
N LEU F 57 -22.35 -9.20 0.45
CA LEU F 57 -21.21 -8.58 -0.21
C LEU F 57 -21.52 -7.10 -0.35
N VAL F 58 -20.58 -6.25 0.05
CA VAL F 58 -20.74 -4.81 -0.07
C VAL F 58 -19.39 -4.18 -0.42
N ASP F 59 -19.40 -3.27 -1.38
CA ASP F 59 -18.25 -2.46 -1.73
C ASP F 59 -18.46 -1.04 -1.25
N ILE F 60 -17.42 -0.46 -0.69
CA ILE F 60 -17.42 0.92 -0.27
C ILE F 60 -16.45 1.65 -1.16
N VAL F 61 -16.97 2.61 -1.92
CA VAL F 61 -16.17 3.39 -2.87
C VAL F 61 -16.09 4.85 -2.45
N GLU F 62 -15.17 5.59 -3.08
CA GLU F 62 -14.86 6.99 -2.74
C GLU F 62 -14.56 7.18 -1.25
N PRO F 63 -13.92 6.17 -0.62
CA PRO F 63 -13.74 6.22 0.83
C PRO F 63 -12.74 7.30 1.27
N THR F 64 -12.87 7.75 2.51
CA THR F 64 -11.93 8.69 3.09
C THR F 64 -11.13 7.98 4.17
N GLU F 65 -10.17 8.69 4.75
CA GLU F 65 -9.42 8.18 5.89
C GLU F 65 -10.38 8.02 7.06
N LYS F 66 -11.29 8.98 7.22
CA LYS F 66 -12.38 8.84 8.17
C LYS F 66 -13.10 7.50 7.98
N THR F 67 -13.36 7.14 6.73
CA THR F 67 -14.03 5.87 6.40
C THR F 67 -13.27 4.62 6.86
N VAL F 68 -12.02 4.49 6.40
CA VAL F 68 -11.15 3.37 6.78
C VAL F 68 -11.05 3.26 8.30
N ASP F 69 -10.90 4.41 8.95
CA ASP F 69 -10.80 4.48 10.41
C ASP F 69 -12.07 3.99 11.12
N ALA F 70 -13.22 4.46 10.65
CA ALA F 70 -14.51 4.05 11.19
C ALA F 70 -14.73 2.55 11.02
N LEU F 71 -14.31 2.01 9.88
CA LEU F 71 -14.44 0.58 9.59
C LEU F 71 -13.57 -0.34 10.45
N MET F 72 -12.32 0.05 10.67
CA MET F 72 -11.43 -0.70 11.57
C MET F 72 -11.83 -0.58 13.04
N ARG F 73 -12.62 0.43 13.35
CA ARG F 73 -13.05 0.68 14.72
C ARG F 73 -14.50 0.21 14.93
N LEU F 74 -14.94 -0.75 14.11
CA LEU F 74 -16.32 -1.22 14.12
C LEU F 74 -16.43 -2.63 14.70
N ASP F 75 -17.48 -2.87 15.47
CA ASP F 75 -17.64 -4.15 16.17
C ASP F 75 -18.99 -4.82 15.90
N LEU F 76 -18.96 -5.84 15.07
CA LEU F 76 -20.15 -6.55 14.60
C LEU F 76 -20.58 -7.66 15.55
N ALA F 77 -21.84 -8.05 15.45
CA ALA F 77 -22.44 -9.02 16.38
C ALA F 77 -21.89 -10.43 16.25
N ALA F 78 -21.92 -11.18 17.36
CA ALA F 78 -21.50 -12.58 17.39
C ALA F 78 -22.17 -13.40 16.28
N GLY F 79 -21.43 -14.37 15.74
CA GLY F 79 -21.96 -15.23 14.68
C GLY F 79 -21.83 -14.63 13.30
N VAL F 80 -21.49 -13.34 13.26
CA VAL F 80 -21.25 -12.62 12.02
C VAL F 80 -19.75 -12.61 11.69
N ASP F 81 -19.42 -13.22 10.56
CA ASP F 81 -18.04 -13.52 10.19
C ASP F 81 -17.62 -12.68 8.97
N VAL F 82 -16.49 -11.99 9.08
CA VAL F 82 -16.14 -10.91 8.16
C VAL F 82 -14.80 -11.14 7.46
N GLN F 83 -14.72 -10.62 6.22
CA GLN F 83 -13.51 -10.50 5.40
C GLN F 83 -13.53 -9.14 4.74
N ILE F 84 -12.42 -8.41 4.86
CA ILE F 84 -12.32 -7.05 4.34
C ILE F 84 -11.14 -6.97 3.37
N SER F 85 -11.37 -6.40 2.19
CA SER F 85 -10.29 -6.18 1.22
C SER F 85 -10.15 -4.72 0.87
N LEU F 86 -8.97 -4.17 1.08
CA LEU F 86 -8.67 -2.79 0.73
C LEU F 86 -7.75 -2.80 -0.47
N GLY F 87 -8.11 -2.01 -1.48
CA GLY F 87 -7.39 -1.99 -2.74
C GLY F 87 -7.85 -3.11 -3.68
#